data_6ZYT
#
_entry.id   6ZYT
#
_cell.length_a   41.790
_cell.length_b   52.740
_cell.length_c   89.360
_cell.angle_alpha   75.240
_cell.angle_beta   78.240
_cell.angle_gamma   84.880
#
_symmetry.space_group_name_H-M   'P 1'
#
loop_
_entity.id
_entity.type
_entity.pdbx_description
1 polymer 'Streptavidin/Rhizavidin Hybrid'
2 non-polymer 'SULFATE ION'
3 non-polymer 5-((3aS,4S,6aR)-2-oxohexahydro-1H-thieno[3,4-d]imidazol-4-yl)-N-((S)-pyrrolidin-3-yl)pentanamide
4 water water
#
_entity_poly.entity_id   1
_entity_poly.type   'polypeptide(L)'
_entity_poly.pdbx_seq_one_letter_code
;MGSSHHHHHHSQDLASAEAGITGTWYNQSGSTFTVTAGADGNLTGQYENRAQGTGCQNSPYTLTGRYNGTKLEWRVEWNN
STENCHSRTEWRGQYQGGAEARINTQWNLTYEGGSGPATEQGQDTFTKVKPSAASGSDYKDDDDK
;
_entity_poly.pdbx_strand_id   BBB,AAA,CCC,FFF,DDD,EEE
#
loop_
_chem_comp.id
_chem_comp.type
_chem_comp.name
_chem_comp.formula
SO4 non-polymer 'SULFATE ION' 'O4 S -2'
UJE non-polymer 5-((3aS,4S,6aR)-2-oxohexahydro-1H-thieno[3,4-d]imidazol-4-yl)-N-((S)-pyrrolidin-3-yl)pentanamide 'C14 H24 N4 O2 S'
#
# COMPACT_ATOMS: atom_id res chain seq x y z
N SER A 16 18.72 10.74 3.73
CA SER A 16 18.28 10.80 2.30
C SER A 16 19.21 11.64 1.42
N ALA A 17 20.17 10.99 0.76
CA ALA A 17 21.06 11.58 -0.28
C ALA A 17 20.46 11.38 -1.69
N GLU A 18 19.12 11.43 -1.79
CA GLU A 18 18.32 11.20 -3.03
C GLU A 18 18.92 11.94 -4.23
N ALA A 19 18.86 13.29 -4.20
CA ALA A 19 19.21 14.19 -5.34
C ALA A 19 20.70 14.53 -5.29
N GLY A 20 21.51 13.70 -5.96
CA GLY A 20 22.95 13.57 -5.74
C GLY A 20 23.36 12.14 -6.03
N ILE A 21 22.72 11.16 -5.40
CA ILE A 21 22.89 9.71 -5.74
C ILE A 21 22.31 9.48 -7.14
N THR A 22 21.09 9.97 -7.38
CA THR A 22 20.37 9.79 -8.68
C THR A 22 21.26 10.37 -9.78
N GLY A 23 21.57 9.57 -10.80
CA GLY A 23 22.33 10.01 -11.97
C GLY A 23 23.11 8.88 -12.58
N THR A 24 24.06 9.24 -13.43
CA THR A 24 24.98 8.29 -14.09
C THR A 24 26.32 8.39 -13.38
N TRP A 25 26.94 7.23 -13.13
CA TRP A 25 28.24 7.04 -12.45
C TRP A 25 29.13 6.17 -13.32
N TYR A 26 30.45 6.36 -13.17
CA TYR A 26 31.54 5.61 -13.85
C TYR A 26 32.58 5.19 -12.81
N ASN A 27 33.04 3.94 -12.85
CA ASN A 27 34.13 3.47 -11.96
C ASN A 27 35.46 3.49 -12.73
N GLN A 28 36.54 3.09 -12.08
CA GLN A 28 37.94 3.14 -12.60
C GLN A 28 38.15 2.12 -13.73
N SER A 29 37.28 1.11 -13.84
CA SER A 29 37.35 0.04 -14.87
C SER A 29 36.64 0.49 -16.17
N GLY A 30 35.94 1.64 -16.12
CA GLY A 30 35.15 2.18 -17.25
C GLY A 30 33.73 1.64 -17.29
N SER A 31 33.28 0.98 -16.21
CA SER A 31 31.89 0.51 -16.05
C SER A 31 31.02 1.70 -15.65
N THR A 32 29.74 1.69 -16.02
CA THR A 32 28.77 2.78 -15.72
C THR A 32 27.49 2.16 -15.16
N PHE A 33 26.86 2.84 -14.22
CA PHE A 33 25.45 2.55 -13.85
C PHE A 33 24.68 3.86 -13.82
N THR A 34 23.38 3.73 -14.03
CA THR A 34 22.39 4.81 -13.96
C THR A 34 21.40 4.40 -12.88
N VAL A 35 21.13 5.27 -11.92
CA VAL A 35 20.34 4.89 -10.72
C VAL A 35 19.33 5.98 -10.44
N THR A 36 18.15 5.58 -9.96
CA THR A 36 17.13 6.46 -9.33
C THR A 36 17.11 6.14 -7.82
N ALA A 37 17.38 7.15 -7.00
CA ALA A 37 17.24 7.10 -5.52
C ALA A 37 15.89 7.69 -5.14
N GLY A 38 14.93 6.85 -4.75
CA GLY A 38 13.62 7.34 -4.25
C GLY A 38 13.78 7.90 -2.84
N ALA A 39 12.91 8.84 -2.43
CA ALA A 39 12.90 9.41 -1.07
C ALA A 39 12.85 8.29 -0.03
N ASP A 40 12.19 7.17 -0.34
CA ASP A 40 11.97 6.04 0.59
C ASP A 40 13.24 5.20 0.77
N GLY A 41 14.25 5.38 -0.07
CA GLY A 41 15.53 4.67 0.05
C GLY A 41 15.68 3.54 -0.96
N ASN A 42 14.70 3.35 -1.84
CA ASN A 42 14.80 2.43 -3.01
C ASN A 42 15.90 2.92 -3.96
N LEU A 43 16.85 2.06 -4.32
CA LEU A 43 17.75 2.22 -5.48
C LEU A 43 17.30 1.30 -6.61
N THR A 44 17.15 1.84 -7.82
CA THR A 44 16.78 1.08 -9.04
C THR A 44 17.52 1.66 -10.24
N GLY A 45 17.81 0.82 -11.22
CA GLY A 45 18.41 1.27 -12.49
C GLY A 45 19.04 0.13 -13.25
N GLN A 46 20.14 0.42 -13.92
CA GLN A 46 20.84 -0.51 -14.82
C GLN A 46 22.34 -0.34 -14.60
N TYR A 47 23.08 -1.42 -14.78
CA TYR A 47 24.54 -1.48 -14.65
C TYR A 47 25.09 -2.02 -15.97
N GLU A 48 26.12 -1.38 -16.52
CA GLU A 48 26.83 -1.86 -17.74
C GLU A 48 28.30 -2.05 -17.36
N ASN A 49 28.74 -3.32 -17.29
CA ASN A 49 30.12 -3.74 -16.98
C ASN A 49 31.00 -3.50 -18.22
N ARG A 50 32.18 -2.93 -18.05
CA ARG A 50 33.18 -2.80 -19.15
C ARG A 50 34.58 -3.15 -18.62
N ALA A 51 34.66 -3.91 -17.53
CA ALA A 51 35.94 -4.35 -16.93
C ALA A 51 36.58 -5.40 -17.85
N GLN A 52 37.73 -5.05 -18.45
CA GLN A 52 38.49 -5.92 -19.37
C GLN A 52 38.59 -7.33 -18.77
N GLY A 53 38.32 -8.37 -19.58
CA GLY A 53 38.58 -9.77 -19.26
C GLY A 53 37.44 -10.46 -18.53
N THR A 54 36.37 -9.73 -18.18
CA THR A 54 35.21 -10.25 -17.42
C THR A 54 34.14 -10.75 -18.39
N GLY A 55 33.07 -11.36 -17.88
CA GLY A 55 31.87 -11.72 -18.67
C GLY A 55 30.83 -10.61 -18.63
N CYS A 56 29.76 -10.75 -19.41
CA CYS A 56 28.54 -9.92 -19.33
C CYS A 56 28.88 -8.43 -19.44
N GLN A 57 29.63 -8.04 -20.48
CA GLN A 57 29.99 -6.63 -20.73
C GLN A 57 29.09 -6.05 -21.83
N ASN A 58 28.94 -4.72 -21.82
CA ASN A 58 28.46 -3.89 -22.96
C ASN A 58 26.97 -4.15 -23.22
N SER A 59 26.22 -4.63 -22.23
CA SER A 59 24.73 -4.72 -22.25
C SER A 59 24.22 -4.40 -20.85
N PRO A 60 23.04 -3.77 -20.71
CA PRO A 60 22.54 -3.39 -19.39
C PRO A 60 22.04 -4.60 -18.57
N TYR A 61 22.32 -4.56 -17.27
CA TYR A 61 21.84 -5.54 -16.26
C TYR A 61 21.07 -4.77 -15.19
N THR A 62 20.11 -5.43 -14.57
CA THR A 62 19.23 -4.77 -13.57
C THR A 62 20.08 -4.50 -12.33
N LEU A 63 19.98 -3.26 -11.84
CA LEU A 63 20.54 -2.83 -10.55
C LEU A 63 19.38 -2.63 -9.57
N THR A 64 19.47 -3.22 -8.38
CA THR A 64 18.53 -2.93 -7.28
C THR A 64 19.32 -2.82 -5.98
N GLY A 65 18.84 -1.98 -5.07
CA GLY A 65 19.50 -1.76 -3.77
C GLY A 65 18.76 -0.80 -2.87
N ARG A 66 19.46 -0.33 -1.84
CA ARG A 66 18.86 0.45 -0.73
C ARG A 66 19.92 1.45 -0.31
N TYR A 67 19.51 2.64 0.10
CA TYR A 67 20.42 3.64 0.73
C TYR A 67 19.75 4.19 1.98
N ASN A 68 20.60 4.64 2.90
CA ASN A 68 20.23 5.28 4.19
C ASN A 68 21.21 6.44 4.40
N GLY A 69 20.80 7.66 4.06
CA GLY A 69 21.69 8.82 4.00
C GLY A 69 22.86 8.56 3.06
N THR A 70 24.09 8.61 3.58
CA THR A 70 25.31 8.45 2.76
C THR A 70 25.63 6.97 2.58
N LYS A 71 24.92 6.08 3.28
CA LYS A 71 25.19 4.61 3.24
C LYS A 71 24.33 3.98 2.13
N LEU A 72 24.99 3.28 1.20
CA LEU A 72 24.41 2.72 -0.05
C LEU A 72 24.76 1.23 -0.12
N GLU A 73 23.90 0.43 -0.75
CA GLU A 73 24.22 -0.97 -1.14
C GLU A 73 23.35 -1.32 -2.33
N TRP A 74 23.93 -1.96 -3.35
CA TRP A 74 23.16 -2.45 -4.53
C TRP A 74 23.77 -3.77 -4.99
N ARG A 75 22.99 -4.55 -5.73
N ARG A 75 22.98 -4.57 -5.71
CA ARG A 75 23.47 -5.83 -6.29
CA ARG A 75 23.45 -5.85 -6.28
C ARG A 75 22.96 -5.97 -7.73
C ARG A 75 22.98 -5.94 -7.74
N VAL A 76 23.76 -6.67 -8.55
CA VAL A 76 23.43 -6.98 -9.96
C VAL A 76 23.55 -8.49 -10.14
N GLU A 77 22.47 -9.13 -10.58
CA GLU A 77 22.51 -10.52 -11.08
C GLU A 77 22.95 -10.49 -12.54
N TRP A 78 24.02 -11.21 -12.91
CA TRP A 78 24.62 -11.18 -14.27
C TRP A 78 23.86 -12.15 -15.18
N ASN A 79 22.58 -11.87 -15.36
CA ASN A 79 21.63 -12.61 -16.22
C ASN A 79 20.69 -11.58 -16.84
N ASN A 80 20.71 -11.47 -18.17
CA ASN A 80 19.77 -10.63 -18.94
C ASN A 80 19.48 -11.38 -20.25
N SER A 81 18.69 -10.77 -21.14
CA SER A 81 18.25 -11.36 -22.43
C SER A 81 19.45 -11.51 -23.39
N THR A 82 20.61 -10.94 -23.05
CA THR A 82 21.81 -11.01 -23.92
C THR A 82 22.76 -12.13 -23.45
N GLU A 83 23.06 -12.22 -22.16
CA GLU A 83 24.11 -13.12 -21.65
C GLU A 83 23.88 -13.45 -20.16
N ASN A 84 24.03 -14.72 -19.82
CA ASN A 84 23.89 -15.26 -18.44
C ASN A 84 25.28 -15.74 -18.00
N CYS A 85 25.87 -15.10 -16.98
CA CYS A 85 27.24 -15.38 -16.46
C CYS A 85 27.16 -16.12 -15.12
N HIS A 86 25.96 -16.57 -14.72
CA HIS A 86 25.74 -17.45 -13.55
C HIS A 86 26.53 -16.92 -12.37
N SER A 87 26.27 -15.68 -11.98
CA SER A 87 27.02 -14.97 -10.91
C SER A 87 26.28 -13.68 -10.54
N ARG A 88 26.63 -13.06 -9.41
CA ARG A 88 26.07 -11.75 -8.99
C ARG A 88 27.13 -10.97 -8.20
N THR A 89 26.99 -9.64 -8.19
CA THR A 89 27.87 -8.74 -7.40
C THR A 89 27.01 -7.93 -6.42
N GLU A 90 27.52 -7.71 -5.21
CA GLU A 90 26.99 -6.70 -4.26
C GLU A 90 28.08 -5.67 -4.03
N TRP A 91 27.68 -4.39 -4.04
CA TRP A 91 28.53 -3.21 -3.72
C TRP A 91 28.00 -2.67 -2.41
N ARG A 92 28.88 -2.33 -1.47
CA ARG A 92 28.52 -1.60 -0.22
C ARG A 92 29.49 -0.43 -0.09
N GLY A 93 28.99 0.76 0.16
CA GLY A 93 29.89 1.88 0.44
C GLY A 93 29.15 3.14 0.84
N GLN A 94 29.83 4.26 0.62
CA GLN A 94 29.39 5.57 1.11
C GLN A 94 29.37 6.52 -0.09
N TYR A 95 28.39 7.41 -0.11
CA TYR A 95 28.28 8.57 -1.03
C TYR A 95 28.86 9.80 -0.35
N GLN A 96 29.71 10.51 -1.08
CA GLN A 96 30.29 11.83 -0.71
C GLN A 96 29.78 12.86 -1.72
N GLY A 97 28.95 13.81 -1.28
CA GLY A 97 28.33 14.86 -2.12
C GLY A 97 29.24 16.05 -2.30
N GLY A 98 28.78 17.08 -3.03
CA GLY A 98 29.49 18.36 -3.22
C GLY A 98 30.37 18.34 -4.46
N ALA A 99 31.42 19.17 -4.49
CA ALA A 99 32.39 19.21 -5.62
C ALA A 99 33.11 17.86 -5.69
N GLU A 100 33.25 17.29 -6.90
CA GLU A 100 33.91 15.99 -7.12
C GLU A 100 33.22 14.91 -6.27
N ALA A 101 31.91 14.75 -6.44
CA ALA A 101 31.07 13.78 -5.70
C ALA A 101 31.53 12.37 -6.05
N ARG A 102 31.44 11.46 -5.10
CA ARG A 102 32.03 10.10 -5.19
C ARG A 102 31.13 9.09 -4.46
N ILE A 103 31.12 7.86 -4.95
CA ILE A 103 30.62 6.65 -4.24
C ILE A 103 31.81 5.70 -4.13
N ASN A 104 32.30 5.50 -2.91
CA ASN A 104 33.42 4.58 -2.60
C ASN A 104 32.79 3.26 -2.15
N THR A 105 33.20 2.14 -2.73
CA THR A 105 32.56 0.81 -2.51
C THR A 105 33.58 -0.30 -2.37
N GLN A 106 33.20 -1.29 -1.54
CA GLN A 106 33.73 -2.67 -1.49
C GLN A 106 32.72 -3.58 -2.19
N TRP A 107 33.15 -4.47 -3.09
CA TRP A 107 32.25 -5.44 -3.75
C TRP A 107 32.67 -6.90 -3.49
N ASN A 108 31.67 -7.79 -3.48
CA ASN A 108 31.83 -9.26 -3.57
C ASN A 108 31.20 -9.74 -4.90
N LEU A 109 31.93 -10.56 -5.66
CA LEU A 109 31.42 -11.24 -6.86
C LEU A 109 31.40 -12.74 -6.56
N THR A 110 30.21 -13.31 -6.44
CA THR A 110 29.98 -14.70 -5.95
C THR A 110 29.42 -15.57 -7.08
N TYR A 111 29.87 -16.81 -7.15
CA TYR A 111 29.43 -17.79 -8.17
C TYR A 111 29.71 -19.19 -7.65
N GLU A 112 29.27 -20.22 -8.38
N GLU A 112 29.26 -20.21 -8.39
CA GLU A 112 29.59 -21.63 -8.06
CA GLU A 112 29.59 -21.63 -8.09
C GLU A 112 30.92 -21.96 -8.76
C GLU A 112 30.93 -21.94 -8.77
N GLY A 113 31.97 -22.17 -7.97
CA GLY A 113 33.28 -22.65 -8.45
C GLY A 113 33.24 -24.15 -8.62
N GLY A 114 34.34 -24.75 -9.06
CA GLY A 114 34.47 -26.20 -9.30
C GLY A 114 34.39 -27.00 -8.01
N SER A 115 34.94 -26.48 -6.91
CA SER A 115 35.06 -27.20 -5.62
C SER A 115 34.02 -26.69 -4.62
N GLY A 116 33.62 -25.41 -4.69
CA GLY A 116 32.70 -24.82 -3.70
C GLY A 116 32.20 -23.43 -4.10
N PRO A 117 31.36 -22.79 -3.25
CA PRO A 117 30.97 -21.39 -3.45
C PRO A 117 32.20 -20.47 -3.48
N ALA A 118 32.34 -19.71 -4.59
CA ALA A 118 33.43 -18.75 -4.85
C ALA A 118 33.00 -17.35 -4.39
N THR A 119 33.95 -16.56 -3.88
CA THR A 119 33.84 -15.09 -3.64
C THR A 119 35.08 -14.41 -4.24
N GLU A 120 34.89 -13.40 -5.11
CA GLU A 120 35.95 -12.43 -5.48
C GLU A 120 35.65 -11.12 -4.75
N GLN A 121 36.69 -10.41 -4.31
CA GLN A 121 36.63 -9.16 -3.52
C GLN A 121 37.34 -8.04 -4.28
N GLY A 122 36.82 -6.81 -4.19
CA GLY A 122 37.49 -5.62 -4.76
C GLY A 122 36.88 -4.32 -4.30
N GLN A 123 37.48 -3.21 -4.72
CA GLN A 123 36.97 -1.84 -4.46
C GLN A 123 36.71 -1.17 -5.81
N ASP A 124 35.55 -0.54 -5.93
CA ASP A 124 35.20 0.35 -7.06
C ASP A 124 34.94 1.74 -6.50
N THR A 125 35.49 2.74 -7.19
CA THR A 125 35.30 4.18 -6.91
C THR A 125 34.51 4.77 -8.08
N PHE A 126 33.35 5.36 -7.80
CA PHE A 126 32.44 5.89 -8.82
C PHE A 126 32.47 7.44 -8.83
N THR A 127 32.54 8.02 -10.03
CA THR A 127 32.41 9.48 -10.28
C THR A 127 31.31 9.71 -11.32
N LYS A 128 30.79 10.94 -11.43
CA LYS A 128 29.79 11.32 -12.47
C LYS A 128 30.51 11.83 -13.72
N VAL A 129 31.84 11.96 -13.67
CA VAL A 129 32.70 12.34 -14.82
C VAL A 129 32.95 11.09 -15.68
N LYS A 130 32.80 11.24 -17.00
CA LYS A 130 32.63 10.13 -17.99
C LYS A 130 33.95 9.37 -18.16
N ILE B 21 15.71 5.80 16.55
CA ILE B 21 14.58 4.99 16.03
C ILE B 21 14.51 3.66 16.80
N THR B 22 15.65 2.99 16.98
CA THR B 22 15.79 1.69 17.71
C THR B 22 15.17 1.86 19.10
N GLY B 23 14.21 1.00 19.45
CA GLY B 23 13.63 0.92 20.80
C GLY B 23 12.16 0.57 20.79
N THR B 24 11.45 0.92 21.88
CA THR B 24 10.02 0.59 22.12
C THR B 24 9.20 1.88 21.98
N TRP B 25 8.13 1.80 21.19
CA TRP B 25 7.20 2.91 20.82
C TRP B 25 5.78 2.54 21.23
N TYR B 26 4.94 3.56 21.48
CA TYR B 26 3.52 3.45 21.87
C TYR B 26 2.69 4.48 21.09
N ASN B 27 1.52 4.08 20.60
CA ASN B 27 0.60 4.96 19.84
C ASN B 27 -0.61 5.32 20.74
N GLN B 28 -1.53 6.11 20.20
CA GLN B 28 -2.63 6.77 20.96
C GLN B 28 -3.77 5.77 21.20
N SER B 29 -3.66 4.56 20.65
CA SER B 29 -4.63 3.44 20.86
C SER B 29 -4.09 2.42 21.88
N GLY B 30 -2.85 2.58 22.36
CA GLY B 30 -2.25 1.72 23.40
C GLY B 30 -1.36 0.61 22.83
N SER B 31 -1.25 0.52 21.51
CA SER B 31 -0.38 -0.46 20.82
C SER B 31 1.07 -0.08 21.09
N THR B 32 1.95 -1.06 20.99
CA THR B 32 3.41 -0.90 21.17
C THR B 32 4.12 -1.69 20.07
N PHE B 33 5.22 -1.14 19.54
CA PHE B 33 6.18 -1.92 18.72
C PHE B 33 7.58 -1.72 19.30
N THR B 34 8.41 -2.74 19.09
CA THR B 34 9.83 -2.76 19.49
C THR B 34 10.61 -3.03 18.20
N VAL B 35 11.53 -2.14 17.85
CA VAL B 35 12.20 -2.16 16.51
C VAL B 35 13.71 -2.04 16.70
N THR B 36 14.45 -2.62 15.78
CA THR B 36 15.90 -2.44 15.58
C THR B 36 16.09 -1.76 14.23
N ALA B 37 16.76 -0.60 14.20
CA ALA B 37 17.07 0.18 12.98
C ALA B 37 18.53 -0.06 12.59
N GLY B 38 18.77 -0.94 11.61
CA GLY B 38 20.14 -1.28 11.17
C GLY B 38 20.78 -0.10 10.48
N ALA B 39 22.11 -0.03 10.50
CA ALA B 39 22.91 0.99 9.79
C ALA B 39 22.47 1.05 8.32
N ASP B 40 22.15 -0.11 7.72
CA ASP B 40 21.88 -0.23 6.26
C ASP B 40 20.45 0.21 5.90
N GLY B 41 19.62 0.54 6.90
CA GLY B 41 18.23 0.99 6.69
C GLY B 41 17.19 -0.10 6.91
N ASN B 42 17.59 -1.32 7.29
CA ASN B 42 16.65 -2.41 7.69
C ASN B 42 15.90 -2.02 8.97
N LEU B 43 14.56 -2.14 8.98
CA LEU B 43 13.71 -2.17 10.21
C LEU B 43 13.18 -3.58 10.46
N THR B 44 13.31 -4.08 11.69
CA THR B 44 12.93 -5.45 12.07
C THR B 44 12.54 -5.41 13.55
N GLY B 45 11.48 -6.12 13.93
CA GLY B 45 11.03 -6.16 15.33
C GLY B 45 9.69 -6.83 15.46
N GLN B 46 8.85 -6.33 16.37
CA GLN B 46 7.56 -6.95 16.74
C GLN B 46 6.55 -5.84 17.02
N TYR B 47 5.29 -6.07 16.68
CA TYR B 47 4.16 -5.13 16.91
C TYR B 47 3.12 -5.86 17.77
N GLU B 48 2.70 -5.22 18.87
CA GLU B 48 1.55 -5.71 19.68
C GLU B 48 0.39 -4.73 19.55
N ASN B 49 -0.65 -5.15 18.85
CA ASN B 49 -1.91 -4.38 18.70
C ASN B 49 -2.69 -4.46 20.02
N ARG B 50 -3.12 -3.30 20.52
CA ARG B 50 -4.03 -3.17 21.69
C ARG B 50 -5.13 -2.14 21.39
N ALA B 51 -5.52 -1.99 20.13
CA ALA B 51 -6.58 -1.04 19.69
C ALA B 51 -7.95 -1.66 20.00
N GLN B 52 -8.78 -0.96 20.79
CA GLN B 52 -10.07 -1.51 21.30
C GLN B 52 -10.96 -1.85 20.09
N GLY B 53 -11.62 -3.01 20.15
CA GLY B 53 -12.56 -3.48 19.11
C GLY B 53 -11.84 -3.81 17.81
N THR B 54 -10.60 -4.30 17.89
CA THR B 54 -9.87 -4.86 16.74
C THR B 54 -9.52 -6.33 17.05
N GLY B 55 -9.23 -7.10 16.02
CA GLY B 55 -8.70 -8.48 16.13
C GLY B 55 -7.18 -8.50 16.31
N CYS B 56 -6.61 -9.68 16.50
CA CYS B 56 -5.15 -9.91 16.67
C CYS B 56 -4.58 -8.91 17.68
N GLN B 57 -5.12 -8.88 18.90
CA GLN B 57 -4.59 -8.06 20.02
C GLN B 57 -3.75 -8.90 20.98
N ASN B 58 -2.76 -8.26 21.61
CA ASN B 58 -2.10 -8.69 22.88
C ASN B 58 -1.19 -9.90 22.63
N SER B 59 -0.81 -10.16 21.38
CA SER B 59 0.28 -11.10 21.01
C SER B 59 1.18 -10.43 19.98
N PRO B 60 2.50 -10.70 19.96
CA PRO B 60 3.42 -10.07 19.03
C PRO B 60 3.25 -10.59 17.59
N TYR B 61 3.35 -9.70 16.61
CA TYR B 61 3.37 -9.99 15.14
C TYR B 61 4.65 -9.41 14.55
N THR B 62 5.28 -10.11 13.61
CA THR B 62 6.52 -9.69 12.91
C THR B 62 6.31 -8.29 12.29
N LEU B 63 7.25 -7.40 12.54
CA LEU B 63 7.39 -6.07 11.90
C LEU B 63 8.60 -6.13 10.98
N THR B 64 8.48 -5.62 9.75
CA THR B 64 9.65 -5.38 8.86
C THR B 64 9.39 -4.08 8.10
N GLY B 65 10.46 -3.43 7.67
CA GLY B 65 10.36 -2.08 7.10
C GLY B 65 11.72 -1.57 6.71
N ARG B 66 11.74 -0.36 6.18
CA ARG B 66 12.97 0.32 5.70
C ARG B 66 12.88 1.78 6.18
N TYR B 67 14.01 2.36 6.53
CA TYR B 67 14.10 3.82 6.84
C TYR B 67 15.27 4.38 6.05
N ASN B 68 15.13 5.66 5.72
CA ASN B 68 16.16 6.46 5.02
C ASN B 68 16.17 7.82 5.72
N GLY B 69 17.09 8.00 6.67
CA GLY B 69 17.11 9.18 7.55
C GLY B 69 15.86 9.19 8.42
N THR B 70 15.05 10.23 8.32
CA THR B 70 13.85 10.41 9.19
C THR B 70 12.63 9.76 8.53
N LYS B 71 12.75 9.35 7.26
CA LYS B 71 11.63 8.78 6.46
C LYS B 71 11.56 7.28 6.72
N LEU B 72 10.42 6.76 7.19
CA LEU B 72 10.29 5.32 7.53
C LEU B 72 8.97 4.73 7.06
N GLU B 73 8.97 3.41 6.93
CA GLU B 73 7.84 2.60 6.43
C GLU B 73 8.02 1.20 6.99
N TRP B 74 6.94 0.62 7.48
CA TRP B 74 6.94 -0.77 8.00
C TRP B 74 5.55 -1.36 7.83
N ARG B 75 5.50 -2.69 7.87
CA ARG B 75 4.38 -3.57 7.49
C ARG B 75 4.30 -4.68 8.52
N VAL B 76 3.08 -5.04 8.89
CA VAL B 76 2.77 -6.19 9.77
C VAL B 76 1.70 -7.02 9.05
N GLU B 77 2.01 -8.27 8.73
CA GLU B 77 1.00 -9.29 8.37
C GLU B 77 0.32 -9.77 9.66
N TRP B 78 -1.01 -9.74 9.75
CA TRP B 78 -1.72 -10.10 11.01
C TRP B 78 -1.94 -11.61 11.07
N ASN B 79 -0.83 -12.34 11.02
CA ASN B 79 -0.76 -13.82 11.15
C ASN B 79 0.44 -14.18 12.04
N ASN B 80 0.16 -14.88 13.13
CA ASN B 80 1.22 -15.47 13.99
C ASN B 80 0.68 -16.79 14.51
N SER B 81 1.36 -17.41 15.47
CA SER B 81 1.03 -18.76 16.00
C SER B 81 -0.18 -18.69 16.94
N THR B 82 -0.70 -17.49 17.24
CA THR B 82 -1.84 -17.25 18.16
C THR B 82 -3.16 -17.00 17.39
N GLU B 83 -3.17 -16.07 16.41
CA GLU B 83 -4.40 -15.59 15.73
C GLU B 83 -4.06 -15.12 14.31
N ASN B 84 -4.88 -15.49 13.33
CA ASN B 84 -4.80 -15.02 11.93
C ASN B 84 -6.03 -14.14 11.65
N CYS B 85 -5.82 -12.85 11.35
CA CYS B 85 -6.89 -11.86 11.03
C CYS B 85 -6.94 -11.57 9.53
N HIS B 86 -6.24 -12.37 8.72
CA HIS B 86 -6.32 -12.40 7.23
C HIS B 86 -6.24 -10.96 6.72
N SER B 87 -5.31 -10.18 7.23
CA SER B 87 -5.18 -8.74 6.91
C SER B 87 -3.73 -8.31 7.09
N ARG B 88 -3.38 -7.13 6.60
CA ARG B 88 -2.04 -6.55 6.82
C ARG B 88 -2.15 -5.03 6.82
N THR B 89 -1.27 -4.40 7.61
CA THR B 89 -1.14 -2.93 7.76
C THR B 89 0.24 -2.50 7.29
N GLU B 90 0.28 -1.36 6.58
CA GLU B 90 1.52 -0.61 6.26
C GLU B 90 1.41 0.77 6.90
N TRP B 91 2.44 1.18 7.64
CA TRP B 91 2.60 2.53 8.22
C TRP B 91 3.67 3.25 7.39
N ARG B 92 3.46 4.53 7.13
CA ARG B 92 4.40 5.41 6.40
C ARG B 92 4.43 6.74 7.15
N GLY B 93 5.63 7.26 7.40
CA GLY B 93 5.75 8.61 7.97
C GLY B 93 7.18 9.01 8.25
N GLN B 94 7.37 9.80 9.31
CA GLN B 94 8.63 10.54 9.57
C GLN B 94 8.94 10.45 11.06
N TYR B 95 10.21 10.22 11.38
CA TYR B 95 10.78 10.27 12.76
C TYR B 95 11.19 11.71 13.04
N GLN B 96 10.77 12.21 14.20
CA GLN B 96 11.24 13.50 14.79
C GLN B 96 12.12 13.14 15.99
N GLY B 97 13.40 13.54 15.93
CA GLY B 97 14.43 13.22 16.95
C GLY B 97 14.37 14.14 18.15
N GLY B 98 15.26 13.92 19.12
CA GLY B 98 15.39 14.72 20.36
C GLY B 98 14.64 14.11 21.53
N ALA B 99 14.42 14.89 22.59
CA ALA B 99 13.80 14.47 23.87
C ALA B 99 12.27 14.54 23.77
N GLU B 100 11.75 14.79 22.56
CA GLU B 100 10.30 14.84 22.24
C GLU B 100 9.97 13.72 21.23
N ALA B 101 10.84 12.72 21.13
CA ALA B 101 10.88 11.67 20.07
C ALA B 101 9.47 11.18 19.76
N ARG B 102 9.00 11.49 18.54
CA ARG B 102 7.69 11.02 18.01
C ARG B 102 7.92 10.50 16.59
N ILE B 103 7.25 9.42 16.22
CA ILE B 103 7.10 8.98 14.80
C ILE B 103 5.64 9.25 14.42
N ASN B 104 5.41 10.12 13.43
CA ASN B 104 4.05 10.40 12.92
C ASN B 104 3.84 9.56 11.66
N THR B 105 2.69 8.90 11.53
CA THR B 105 2.40 7.94 10.43
C THR B 105 0.97 8.08 9.89
N GLN B 106 0.85 7.78 8.59
CA GLN B 106 -0.39 7.30 7.93
C GLN B 106 -0.25 5.78 7.72
N TRP B 107 -1.29 5.03 8.07
CA TRP B 107 -1.38 3.56 7.89
C TRP B 107 -2.55 3.20 6.98
N ASN B 108 -2.39 2.11 6.21
CA ASN B 108 -3.47 1.43 5.45
C ASN B 108 -3.60 -0.01 5.96
N LEU B 109 -4.77 -0.37 6.51
CA LEU B 109 -5.14 -1.76 6.85
C LEU B 109 -5.87 -2.36 5.64
N THR B 110 -5.38 -3.47 5.10
CA THR B 110 -5.89 -4.04 3.82
C THR B 110 -6.32 -5.48 4.07
N TYR B 111 -7.49 -5.84 3.52
CA TYR B 111 -8.07 -7.20 3.61
C TYR B 111 -8.98 -7.44 2.41
N GLU B 112 -9.30 -8.70 2.12
CA GLU B 112 -10.27 -9.05 1.05
C GLU B 112 -11.68 -8.82 1.60
N GLY B 113 -12.45 -7.93 0.96
CA GLY B 113 -13.88 -7.70 1.28
C GLY B 113 -14.77 -8.62 0.46
N GLY B 114 -16.09 -8.49 0.62
CA GLY B 114 -17.11 -9.28 -0.11
C GLY B 114 -17.11 -8.96 -1.60
N SER B 115 -16.90 -7.70 -1.97
CA SER B 115 -17.10 -7.19 -3.35
C SER B 115 -15.75 -6.87 -4.03
N GLY B 116 -14.72 -6.47 -3.26
CA GLY B 116 -13.36 -6.27 -3.79
C GLY B 116 -12.32 -6.01 -2.71
N PRO B 117 -11.09 -5.61 -3.10
CA PRO B 117 -10.07 -5.20 -2.15
C PRO B 117 -10.59 -4.07 -1.25
N ALA B 118 -10.45 -4.27 0.08
CA ALA B 118 -10.92 -3.33 1.11
C ALA B 118 -9.71 -2.62 1.70
N THR B 119 -9.81 -1.31 1.94
CA THR B 119 -8.78 -0.51 2.64
C THR B 119 -9.45 0.27 3.80
N GLU B 120 -8.87 0.16 5.00
CA GLU B 120 -9.13 1.06 6.15
C GLU B 120 -7.90 1.98 6.31
N GLN B 121 -8.14 3.28 6.53
CA GLN B 121 -7.07 4.32 6.60
C GLN B 121 -7.15 5.04 7.94
N GLY B 122 -6.00 5.47 8.45
CA GLY B 122 -5.95 6.29 9.66
C GLY B 122 -4.56 6.79 9.95
N GLN B 123 -4.41 7.49 11.08
CA GLN B 123 -3.14 8.09 11.54
C GLN B 123 -2.79 7.47 12.88
N ASP B 124 -1.50 7.15 13.09
CA ASP B 124 -0.93 6.70 14.38
C ASP B 124 0.24 7.60 14.73
N THR B 125 0.24 8.20 15.92
CA THR B 125 1.35 8.98 16.49
C THR B 125 2.02 8.13 17.55
N PHE B 126 3.33 7.87 17.40
CA PHE B 126 4.10 6.99 18.31
C PHE B 126 5.08 7.83 19.13
N THR B 127 5.25 7.48 20.40
CA THR B 127 6.22 8.07 21.34
C THR B 127 6.91 6.95 22.10
N LYS B 128 8.07 7.22 22.69
CA LYS B 128 8.80 6.24 23.54
C LYS B 128 8.31 6.36 24.98
N VAL B 129 7.35 7.26 25.26
CA VAL B 129 6.66 7.37 26.59
C VAL B 129 5.27 6.74 26.48
N LYS B 130 4.92 5.84 27.40
CA LYS B 130 3.63 5.08 27.41
C LYS B 130 2.44 6.04 27.63
N GLY C 20 34.67 -16.54 22.80
CA GLY C 20 33.25 -16.28 23.16
C GLY C 20 32.31 -16.50 21.99
N ILE C 21 32.63 -15.90 20.84
CA ILE C 21 31.87 -16.08 19.56
C ILE C 21 32.03 -17.53 19.10
N THR C 22 33.24 -18.07 19.14
CA THR C 22 33.55 -19.44 18.68
C THR C 22 32.67 -20.44 19.45
N GLY C 23 32.08 -21.38 18.73
CA GLY C 23 31.19 -22.41 19.30
C GLY C 23 29.98 -22.70 18.43
N THR C 24 28.99 -23.37 19.03
CA THR C 24 27.77 -23.88 18.39
C THR C 24 26.58 -23.10 18.93
N TRP C 25 25.86 -22.43 18.02
CA TRP C 25 24.74 -21.53 18.32
C TRP C 25 23.46 -22.10 17.72
N TYR C 26 22.32 -21.78 18.33
CA TYR C 26 20.97 -22.21 17.91
C TYR C 26 20.09 -20.97 17.90
N ASN C 27 19.28 -20.78 16.86
CA ASN C 27 18.32 -19.63 16.80
C ASN C 27 16.92 -20.14 17.15
N GLN C 28 15.95 -19.23 17.26
CA GLN C 28 14.54 -19.49 17.66
C GLN C 28 13.84 -20.49 16.72
N SER C 29 14.38 -20.72 15.52
CA SER C 29 13.83 -21.63 14.48
C SER C 29 14.49 -23.02 14.57
N GLY C 30 15.43 -23.20 15.51
CA GLY C 30 16.17 -24.46 15.69
C GLY C 30 17.34 -24.61 14.72
N SER C 31 17.64 -23.61 13.90
CA SER C 31 18.82 -23.62 13.01
C SER C 31 20.09 -23.62 13.87
N THR C 32 21.14 -24.33 13.43
CA THR C 32 22.45 -24.45 14.10
C THR C 32 23.51 -23.64 13.34
N PHE C 33 24.25 -22.81 14.06
CA PHE C 33 25.39 -22.00 13.57
C PHE C 33 26.63 -22.52 14.30
N THR C 34 27.47 -23.28 13.58
CA THR C 34 28.78 -23.77 14.11
C THR C 34 29.87 -22.88 13.50
N VAL C 35 30.58 -22.13 14.32
CA VAL C 35 31.44 -20.99 13.88
C VAL C 35 32.78 -21.04 14.62
N THR C 36 33.87 -20.74 13.91
CA THR C 36 35.19 -20.40 14.52
C THR C 36 35.49 -18.93 14.22
N ALA C 37 35.79 -18.14 15.26
CA ALA C 37 36.26 -16.74 15.14
C ALA C 37 37.79 -16.74 15.14
N GLY C 38 38.41 -16.72 13.95
CA GLY C 38 39.88 -16.75 13.77
C GLY C 38 40.54 -15.45 14.22
N ALA C 39 41.75 -15.54 14.75
CA ALA C 39 42.52 -14.40 15.33
C ALA C 39 42.57 -13.24 14.34
N ASP C 40 42.48 -13.52 13.03
CA ASP C 40 42.58 -12.52 11.93
C ASP C 40 41.18 -11.94 11.62
N GLY C 41 40.20 -12.14 12.49
CA GLY C 41 38.87 -11.52 12.37
C GLY C 41 37.98 -12.17 11.33
N ASN C 42 38.37 -13.37 10.84
CA ASN C 42 37.56 -14.20 9.91
C ASN C 42 36.60 -15.08 10.71
N LEU C 43 35.38 -15.27 10.20
CA LEU C 43 34.40 -16.28 10.67
C LEU C 43 34.35 -17.41 9.63
N THR C 44 34.55 -18.66 10.06
CA THR C 44 34.34 -19.87 9.22
C THR C 44 33.44 -20.83 9.98
N GLY C 45 32.82 -21.77 9.25
CA GLY C 45 32.03 -22.87 9.84
C GLY C 45 30.94 -23.33 8.90
N GLN C 46 29.83 -23.82 9.46
CA GLN C 46 28.68 -24.35 8.70
C GLN C 46 27.40 -23.84 9.33
N TYR C 47 26.34 -23.75 8.53
CA TYR C 47 24.98 -23.38 8.98
C TYR C 47 24.02 -24.51 8.58
N GLU C 48 23.26 -25.04 9.54
CA GLU C 48 22.19 -26.02 9.23
C GLU C 48 20.84 -25.35 9.47
N ASN C 49 20.11 -25.11 8.39
CA ASN C 49 18.79 -24.43 8.42
C ASN C 49 17.73 -25.42 8.91
N ARG C 50 16.90 -25.04 9.88
CA ARG C 50 15.79 -25.92 10.34
C ARG C 50 14.50 -25.11 10.44
N ALA C 51 14.44 -23.94 9.79
CA ALA C 51 13.25 -23.05 9.80
C ALA C 51 12.15 -23.71 8.96
N GLN C 52 10.98 -23.93 9.57
CA GLN C 52 9.77 -24.52 8.93
C GLN C 52 9.38 -23.69 7.71
N GLY C 53 9.02 -24.38 6.62
CA GLY C 53 8.46 -23.76 5.40
C GLY C 53 9.53 -23.14 4.52
N THR C 54 10.80 -23.48 4.76
CA THR C 54 11.97 -22.95 3.98
C THR C 54 12.65 -24.10 3.21
N GLY C 55 13.46 -23.75 2.22
CA GLY C 55 14.26 -24.74 1.46
C GLY C 55 15.51 -25.10 2.22
N CYS C 56 16.24 -26.11 1.75
CA CYS C 56 17.65 -26.34 2.16
C CYS C 56 17.72 -26.60 3.67
N GLN C 57 16.81 -27.41 4.20
CA GLN C 57 16.79 -27.77 5.64
C GLN C 57 17.65 -29.02 5.83
N ASN C 58 18.21 -29.17 7.04
CA ASN C 58 18.79 -30.43 7.57
C ASN C 58 20.01 -30.85 6.77
N SER C 59 20.85 -29.92 6.31
CA SER C 59 22.19 -30.20 5.75
C SER C 59 23.14 -29.03 6.01
N PRO C 60 24.44 -29.27 6.27
CA PRO C 60 25.39 -28.19 6.53
C PRO C 60 25.77 -27.38 5.28
N TYR C 61 25.58 -26.06 5.37
CA TYR C 61 25.96 -25.07 4.34
C TYR C 61 27.16 -24.28 4.85
N THR C 62 28.21 -24.18 4.02
CA THR C 62 29.47 -23.47 4.35
C THR C 62 29.17 -21.99 4.58
N LEU C 63 29.91 -21.41 5.51
CA LEU C 63 29.70 -20.03 6.03
C LEU C 63 30.98 -19.23 5.80
N THR C 64 30.84 -17.95 5.47
CA THR C 64 31.95 -16.96 5.40
C THR C 64 31.49 -15.67 6.08
N GLY C 65 32.35 -15.05 6.86
CA GLY C 65 32.00 -13.80 7.55
C GLY C 65 33.19 -13.15 8.23
N ARG C 66 32.95 -11.98 8.83
CA ARG C 66 33.95 -11.17 9.57
C ARG C 66 33.32 -10.72 10.89
N TYR C 67 34.17 -10.39 11.87
CA TYR C 67 33.78 -9.79 13.16
C TYR C 67 34.83 -8.74 13.51
N ASN C 68 34.40 -7.68 14.21
CA ASN C 68 35.24 -6.61 14.79
C ASN C 68 34.74 -6.38 16.22
N GLY C 69 35.45 -6.94 17.20
CA GLY C 69 35.03 -6.94 18.61
C GLY C 69 33.69 -7.63 18.78
N THR C 70 32.63 -6.85 19.02
CA THR C 70 31.26 -7.34 19.29
C THR C 70 30.46 -7.40 17.97
N LYS C 71 30.96 -6.82 16.89
CA LYS C 71 30.20 -6.71 15.61
C LYS C 71 30.50 -7.95 14.74
N LEU C 72 29.43 -8.60 14.24
CA LEU C 72 29.42 -9.88 13.48
C LEU C 72 28.74 -9.65 12.12
N GLU C 73 29.31 -10.20 11.03
CA GLU C 73 28.62 -10.30 9.71
C GLU C 73 28.93 -11.70 9.14
N TRP C 74 27.92 -12.43 8.66
CA TRP C 74 28.18 -13.69 7.92
C TRP C 74 27.14 -13.92 6.81
N ARG C 75 27.52 -14.77 5.86
CA ARG C 75 26.74 -15.05 4.62
C ARG C 75 26.72 -16.55 4.39
N VAL C 76 25.59 -17.09 3.96
CA VAL C 76 25.45 -18.50 3.49
C VAL C 76 24.93 -18.45 2.05
N GLU C 77 25.66 -19.06 1.12
CA GLU C 77 25.13 -19.43 -0.21
C GLU C 77 24.37 -20.75 -0.04
N TRP C 78 23.09 -20.78 -0.38
CA TRP C 78 22.21 -21.97 -0.21
C TRP C 78 22.41 -22.94 -1.38
N ASN C 79 23.67 -23.33 -1.62
CA ASN C 79 24.06 -24.26 -2.69
C ASN C 79 25.10 -25.25 -2.14
N ASN C 80 24.73 -26.52 -2.01
CA ASN C 80 25.66 -27.62 -1.64
C ASN C 80 25.29 -28.88 -2.43
N SER C 81 25.99 -29.99 -2.14
CA SER C 81 25.79 -31.33 -2.78
C SER C 81 24.34 -31.80 -2.62
N THR C 82 23.70 -31.49 -1.47
CA THR C 82 22.35 -31.99 -1.10
C THR C 82 21.25 -31.23 -1.87
N GLU C 83 21.27 -29.89 -1.86
CA GLU C 83 20.16 -29.08 -2.42
C GLU C 83 20.64 -27.66 -2.73
N ASN C 84 20.25 -27.15 -3.91
CA ASN C 84 20.49 -25.77 -4.38
C ASN C 84 19.15 -25.00 -4.35
N CYS C 85 19.04 -24.00 -3.47
CA CYS C 85 17.86 -23.09 -3.34
C CYS C 85 18.09 -21.73 -4.05
N HIS C 86 19.16 -21.60 -4.85
CA HIS C 86 19.42 -20.44 -5.74
C HIS C 86 19.27 -19.12 -4.96
N SER C 87 19.79 -19.07 -3.72
CA SER C 87 19.64 -17.91 -2.80
C SER C 87 20.90 -17.75 -1.92
N ARG C 88 21.00 -16.61 -1.23
CA ARG C 88 21.97 -16.38 -0.13
C ARG C 88 21.33 -15.53 0.96
N THR C 89 21.75 -15.78 2.20
CA THR C 89 21.43 -14.96 3.38
C THR C 89 22.70 -14.30 3.91
N GLU C 90 22.55 -13.05 4.32
CA GLU C 90 23.48 -12.25 5.14
C GLU C 90 22.84 -11.94 6.51
N TRP C 91 23.53 -12.30 7.59
CA TRP C 91 23.22 -11.86 8.98
C TRP C 91 24.17 -10.72 9.33
N ARG C 92 23.66 -9.67 9.97
CA ARG C 92 24.48 -8.62 10.61
C ARG C 92 23.98 -8.43 12.05
N GLY C 93 24.89 -8.34 13.01
CA GLY C 93 24.47 -8.16 14.41
C GLY C 93 25.58 -8.03 15.43
N GLN C 94 25.23 -8.34 16.67
CA GLN C 94 26.03 -8.09 17.89
C GLN C 94 26.08 -9.37 18.72
N TYR C 95 27.26 -9.68 19.21
CA TYR C 95 27.54 -10.68 20.26
C TYR C 95 27.45 -9.99 21.63
N GLN C 96 26.75 -10.61 22.57
CA GLN C 96 26.87 -10.27 24.02
C GLN C 96 27.48 -11.49 24.72
N GLY C 97 28.48 -11.27 25.58
CA GLY C 97 29.26 -12.34 26.22
C GLY C 97 28.61 -12.84 27.49
N GLY C 98 29.39 -13.53 28.33
CA GLY C 98 28.91 -14.17 29.57
C GLY C 98 28.42 -15.58 29.30
N ALA C 99 27.81 -16.22 30.29
CA ALA C 99 27.33 -17.62 30.22
C ALA C 99 25.91 -17.66 29.65
N GLU C 100 25.26 -16.49 29.52
CA GLU C 100 23.94 -16.31 28.87
C GLU C 100 24.16 -15.54 27.55
N ALA C 101 25.22 -15.92 26.81
CA ALA C 101 25.64 -15.30 25.54
C ALA C 101 24.48 -15.35 24.54
N ARG C 102 24.32 -14.26 23.80
CA ARG C 102 23.32 -14.08 22.71
C ARG C 102 24.07 -13.52 21.50
N ILE C 103 23.65 -13.92 20.30
CA ILE C 103 23.92 -13.18 19.03
C ILE C 103 22.57 -12.69 18.53
N ASN C 104 22.40 -11.37 18.45
CA ASN C 104 21.18 -10.65 18.01
C ASN C 104 21.46 -10.13 16.60
N THR C 105 20.70 -10.58 15.59
CA THR C 105 20.99 -10.27 14.16
C THR C 105 19.73 -9.79 13.44
N GLN C 106 19.92 -8.98 12.41
CA GLN C 106 18.97 -8.80 11.28
C GLN C 106 19.52 -9.63 10.12
N TRP C 107 18.66 -10.23 9.30
CA TRP C 107 19.14 -10.97 8.10
C TRP C 107 18.41 -10.50 6.85
N ASN C 108 19.08 -10.65 5.71
CA ASN C 108 18.45 -10.44 4.39
C ASN C 108 18.74 -11.70 3.55
N LEU C 109 17.67 -12.37 3.13
CA LEU C 109 17.70 -13.50 2.18
C LEU C 109 17.37 -12.93 0.79
N THR C 110 18.31 -13.02 -0.14
CA THR C 110 18.17 -12.45 -1.51
C THR C 110 18.14 -13.57 -2.57
N TYR C 111 17.36 -13.34 -3.63
CA TYR C 111 17.20 -14.27 -4.77
C TYR C 111 16.54 -13.49 -5.90
N GLU C 112 16.36 -14.13 -7.04
CA GLU C 112 15.66 -13.57 -8.23
C GLU C 112 14.18 -13.98 -8.15
N GLY C 113 13.30 -13.01 -7.93
CA GLY C 113 11.84 -13.22 -7.97
C GLY C 113 11.36 -13.31 -9.41
N GLY C 114 10.06 -13.50 -9.61
CA GLY C 114 9.45 -13.52 -10.95
C GLY C 114 9.41 -12.13 -11.58
N SER C 115 9.13 -11.10 -10.79
CA SER C 115 8.96 -9.69 -11.23
C SER C 115 10.31 -8.97 -11.14
N GLY C 116 11.12 -9.31 -10.14
CA GLY C 116 12.47 -8.74 -9.99
C GLY C 116 13.22 -9.29 -8.78
N PRO C 117 14.44 -8.75 -8.55
CA PRO C 117 15.26 -9.12 -7.40
C PRO C 117 14.44 -9.06 -6.10
N ALA C 118 14.48 -10.15 -5.33
CA ALA C 118 13.68 -10.35 -4.11
C ALA C 118 14.58 -10.26 -2.88
N THR C 119 14.05 -9.77 -1.78
CA THR C 119 14.73 -9.81 -0.46
C THR C 119 13.69 -10.19 0.59
N GLU C 120 13.98 -11.19 1.41
CA GLU C 120 13.19 -11.46 2.64
C GLU C 120 13.97 -10.94 3.85
N GLN C 121 13.23 -10.43 4.84
CA GLN C 121 13.81 -9.76 6.03
C GLN C 121 13.37 -10.51 7.28
N GLY C 122 14.24 -10.56 8.28
CA GLY C 122 13.87 -11.01 9.63
C GLY C 122 15.01 -10.80 10.59
N GLN C 123 14.78 -11.19 11.85
CA GLN C 123 15.81 -11.12 12.91
C GLN C 123 15.90 -12.51 13.52
N ASP C 124 17.13 -12.98 13.74
CA ASP C 124 17.46 -14.28 14.39
C ASP C 124 18.20 -13.97 15.70
N THR C 125 17.82 -14.66 16.77
CA THR C 125 18.55 -14.61 18.07
C THR C 125 19.15 -15.99 18.29
N PHE C 126 20.46 -16.04 18.52
CA PHE C 126 21.24 -17.28 18.75
C PHE C 126 21.65 -17.34 20.22
N THR C 127 21.50 -18.51 20.83
CA THR C 127 22.07 -18.82 22.18
C THR C 127 22.87 -20.12 22.03
N LYS C 128 23.71 -20.44 23.01
CA LYS C 128 24.54 -21.67 23.00
C LYS C 128 23.75 -22.85 23.61
N VAL C 129 22.49 -22.65 23.99
CA VAL C 129 21.61 -23.75 24.48
C VAL C 129 21.13 -24.58 23.29
N LYS C 130 21.51 -25.87 23.24
CA LYS C 130 21.02 -26.86 22.25
C LYS C 130 19.57 -27.26 22.62
N GLY D 20 -28.42 7.26 20.07
CA GLY D 20 -28.23 8.73 20.17
C GLY D 20 -28.39 9.42 18.82
N ILE D 21 -27.76 10.59 18.65
CA ILE D 21 -27.88 11.47 17.46
C ILE D 21 -27.15 10.84 16.27
N THR D 22 -25.98 10.21 16.48
CA THR D 22 -25.21 9.56 15.39
C THR D 22 -26.09 8.51 14.73
N GLY D 23 -26.03 8.40 13.40
CA GLY D 23 -26.81 7.46 12.58
C GLY D 23 -27.29 8.10 11.29
N THR D 24 -27.97 7.32 10.43
CA THR D 24 -28.62 7.81 9.18
C THR D 24 -30.10 8.03 9.48
N TRP D 25 -30.61 9.24 9.16
CA TRP D 25 -32.01 9.69 9.41
C TRP D 25 -32.72 9.98 8.09
N TYR D 26 -34.05 10.07 8.14
CA TYR D 26 -34.94 10.35 6.99
C TYR D 26 -36.02 11.34 7.44
N ASN D 27 -36.48 12.23 6.55
CA ASN D 27 -37.59 13.16 6.86
C ASN D 27 -38.84 12.73 6.07
N GLN D 28 -39.96 13.42 6.33
CA GLN D 28 -41.28 13.20 5.68
C GLN D 28 -41.14 13.30 4.16
N SER D 29 -40.22 14.14 3.66
CA SER D 29 -40.01 14.37 2.21
C SER D 29 -39.08 13.29 1.63
N GLY D 30 -38.63 12.34 2.46
CA GLY D 30 -37.73 11.25 2.05
C GLY D 30 -36.30 11.73 1.80
N SER D 31 -35.90 12.86 2.39
CA SER D 31 -34.49 13.32 2.42
C SER D 31 -33.75 12.55 3.52
N THR D 32 -32.45 12.28 3.32
CA THR D 32 -31.59 11.48 4.23
C THR D 32 -30.51 12.37 4.87
N PHE D 33 -30.26 12.15 6.16
CA PHE D 33 -29.44 12.99 7.06
C PHE D 33 -28.48 12.07 7.84
N THR D 34 -27.30 11.80 7.25
CA THR D 34 -26.24 10.91 7.81
C THR D 34 -25.23 11.78 8.59
N VAL D 35 -25.33 11.78 9.92
CA VAL D 35 -24.56 12.69 10.84
C VAL D 35 -23.74 11.85 11.84
N THR D 36 -22.51 12.29 12.09
CA THR D 36 -21.64 11.86 13.23
C THR D 36 -21.68 12.95 14.31
N ALA D 37 -22.05 12.58 15.54
CA ALA D 37 -22.02 13.46 16.74
C ALA D 37 -20.75 13.15 17.53
N GLY D 38 -19.72 14.01 17.43
CA GLY D 38 -18.43 13.88 18.14
C GLY D 38 -18.57 14.20 19.62
N ALA D 39 -17.57 13.82 20.42
CA ALA D 39 -17.55 14.01 21.89
C ALA D 39 -17.43 15.50 22.25
N ASP D 40 -17.05 16.34 21.28
CA ASP D 40 -16.78 17.79 21.47
C ASP D 40 -18.05 18.63 21.28
N GLY D 41 -19.13 18.04 20.76
CA GLY D 41 -20.41 18.73 20.51
C GLY D 41 -20.49 19.29 19.09
N ASN D 42 -19.70 18.73 18.17
CA ASN D 42 -19.71 19.06 16.71
C ASN D 42 -20.55 18.01 15.98
N LEU D 43 -21.27 18.44 14.94
CA LEU D 43 -21.99 17.55 13.99
C LEU D 43 -21.30 17.62 12.64
N THR D 44 -21.03 16.46 12.03
CA THR D 44 -20.43 16.32 10.69
C THR D 44 -21.18 15.21 9.95
N GLY D 45 -21.42 15.37 8.65
CA GLY D 45 -22.10 14.36 7.81
C GLY D 45 -22.41 14.88 6.42
N GLN D 46 -23.30 14.19 5.71
CA GLN D 46 -23.81 14.62 4.39
C GLN D 46 -25.34 14.67 4.43
N TYR D 47 -25.94 15.50 3.55
CA TYR D 47 -27.40 15.61 3.36
C TYR D 47 -27.69 15.36 1.88
N GLU D 48 -28.61 14.42 1.59
CA GLU D 48 -29.25 14.21 0.27
C GLU D 48 -30.71 14.67 0.37
N ASN D 49 -31.07 15.69 -0.40
CA ASN D 49 -32.45 16.22 -0.49
C ASN D 49 -33.20 15.44 -1.56
N ARG D 50 -34.42 14.98 -1.24
CA ARG D 50 -35.32 14.24 -2.16
C ARG D 50 -36.71 14.90 -2.20
N ALA D 51 -36.87 16.06 -1.55
CA ALA D 51 -38.14 16.82 -1.48
C ALA D 51 -38.55 17.24 -2.90
N GLN D 52 -39.74 16.84 -3.33
CA GLN D 52 -40.29 17.05 -4.69
C GLN D 52 -40.58 18.55 -4.91
N GLY D 53 -40.21 19.08 -6.09
CA GLY D 53 -40.40 20.50 -6.46
C GLY D 53 -39.28 21.40 -5.95
N THR D 54 -38.14 20.84 -5.53
CA THR D 54 -36.94 21.58 -5.04
C THR D 54 -35.76 21.34 -5.98
N GLY D 55 -34.69 22.13 -5.84
CA GLY D 55 -33.44 21.98 -6.60
C GLY D 55 -32.44 21.11 -5.85
N CYS D 56 -31.28 20.83 -6.46
CA CYS D 56 -30.13 20.19 -5.77
C CYS D 56 -30.59 18.89 -5.07
N GLN D 57 -31.31 18.03 -5.79
CA GLN D 57 -31.81 16.72 -5.27
C GLN D 57 -30.81 15.62 -5.63
N ASN D 58 -30.87 14.48 -4.92
CA ASN D 58 -30.19 13.20 -5.27
C ASN D 58 -28.67 13.38 -5.44
N SER D 59 -28.01 14.11 -4.53
CA SER D 59 -26.55 14.34 -4.53
C SER D 59 -26.10 14.78 -3.14
N PRO D 60 -25.14 14.10 -2.49
CA PRO D 60 -24.73 14.47 -1.12
C PRO D 60 -24.08 15.85 -1.05
N TYR D 61 -24.56 16.68 -0.10
CA TYR D 61 -24.03 18.03 0.24
C TYR D 61 -23.52 17.99 1.68
N THR D 62 -22.40 18.67 1.93
CA THR D 62 -21.73 18.68 3.26
C THR D 62 -22.66 19.29 4.30
N LEU D 63 -22.68 18.67 5.49
CA LEU D 63 -23.51 19.04 6.66
C LEU D 63 -22.56 19.45 7.79
N THR D 64 -22.83 20.57 8.45
CA THR D 64 -22.03 21.05 9.61
C THR D 64 -22.96 21.61 10.68
N GLY D 65 -22.72 21.29 11.96
CA GLY D 65 -23.57 21.79 13.06
C GLY D 65 -23.01 21.53 14.44
N ARG D 66 -23.77 21.98 15.46
CA ARG D 66 -23.44 21.89 16.91
C ARG D 66 -24.58 21.17 17.63
N TYR D 67 -24.27 20.44 18.72
CA TYR D 67 -25.26 19.78 19.60
C TYR D 67 -24.79 19.88 21.06
N ASN D 68 -25.73 20.13 21.96
CA ASN D 68 -25.51 20.28 23.43
C ASN D 68 -26.65 19.53 24.16
N GLY D 69 -26.52 18.21 24.29
CA GLY D 69 -27.52 17.33 24.91
C GLY D 69 -28.59 16.91 23.92
N THR D 70 -29.85 17.27 24.16
CA THR D 70 -31.01 16.96 23.29
C THR D 70 -31.12 17.99 22.16
N LYS D 71 -30.44 19.14 22.29
CA LYS D 71 -30.59 20.33 21.40
C LYS D 71 -29.60 20.22 20.23
N LEU D 72 -30.09 20.40 19.01
CA LEU D 72 -29.30 20.27 17.75
C LEU D 72 -29.41 21.55 16.91
N GLU D 73 -28.49 21.71 15.97
CA GLU D 73 -28.41 22.83 15.00
C GLU D 73 -27.44 22.39 13.90
N TRP D 74 -27.83 22.51 12.62
CA TRP D 74 -26.92 22.24 11.48
C TRP D 74 -27.36 22.99 10.24
N ARG D 75 -26.48 23.01 9.24
CA ARG D 75 -26.57 23.88 8.05
C ARG D 75 -26.01 23.11 6.84
N VAL D 76 -26.62 23.34 5.67
CA VAL D 76 -26.15 22.83 4.36
C VAL D 76 -26.13 24.03 3.42
N GLU D 77 -24.96 24.32 2.85
CA GLU D 77 -24.81 25.23 1.68
C GLU D 77 -25.00 24.37 0.43
N TRP D 78 -26.05 24.64 -0.33
CA TRP D 78 -26.49 23.80 -1.49
C TRP D 78 -25.57 24.06 -2.68
N ASN D 79 -24.29 23.69 -2.54
CA ASN D 79 -23.22 23.85 -3.55
C ASN D 79 -22.27 22.64 -3.47
N ASN D 80 -22.11 21.90 -4.57
CA ASN D 80 -21.11 20.79 -4.66
C ASN D 80 -20.57 20.75 -6.10
N SER D 81 -19.88 19.67 -6.50
CA SER D 81 -19.36 19.49 -7.88
C SER D 81 -20.50 19.11 -8.83
N THR D 82 -21.69 18.83 -8.30
CA THR D 82 -22.89 18.39 -9.06
C THR D 82 -23.73 19.61 -9.47
N GLU D 83 -24.30 20.33 -8.49
CA GLU D 83 -25.27 21.43 -8.72
C GLU D 83 -25.15 22.50 -7.64
N ASN D 84 -25.12 23.77 -8.05
CA ASN D 84 -25.20 24.95 -7.17
C ASN D 84 -26.56 25.61 -7.40
N CYS D 85 -27.43 25.60 -6.39
CA CYS D 85 -28.73 26.34 -6.38
C CYS D 85 -28.62 27.54 -5.43
N HIS D 86 -27.38 28.04 -5.22
CA HIS D 86 -27.05 29.32 -4.56
C HIS D 86 -28.02 29.60 -3.42
N SER D 87 -27.88 28.86 -2.32
CA SER D 87 -28.78 28.89 -1.13
C SER D 87 -28.20 28.02 -0.01
N ARG D 88 -28.70 28.23 1.21
CA ARG D 88 -28.31 27.51 2.44
C ARG D 88 -29.58 27.27 3.26
N THR D 89 -29.70 26.10 3.90
CA THR D 89 -30.79 25.78 4.86
C THR D 89 -30.20 25.58 6.26
N GLU D 90 -30.88 26.11 7.28
CA GLU D 90 -30.56 25.92 8.73
C GLU D 90 -31.71 25.16 9.42
N TRP D 91 -31.38 24.01 10.03
CA TRP D 91 -32.27 23.23 10.92
C TRP D 91 -31.86 23.51 12.37
N ARG D 92 -32.86 23.71 13.24
CA ARG D 92 -32.70 23.87 14.70
C ARG D 92 -33.84 23.10 15.38
N GLY D 93 -33.59 22.53 16.57
CA GLY D 93 -34.62 21.78 17.33
C GLY D 93 -34.00 20.80 18.32
N GLN D 94 -34.65 19.64 18.50
CA GLN D 94 -34.46 18.74 19.66
C GLN D 94 -34.40 17.26 19.21
N TYR D 95 -33.57 16.46 19.88
CA TYR D 95 -33.52 14.97 19.78
C TYR D 95 -34.37 14.37 20.91
N GLN D 96 -35.29 13.48 20.55
CA GLN D 96 -36.14 12.69 21.49
C GLN D 96 -35.79 11.21 21.33
N GLY D 97 -35.16 10.62 22.35
CA GLY D 97 -34.87 9.17 22.41
C GLY D 97 -36.12 8.37 22.78
N GLY D 98 -35.94 7.22 23.43
CA GLY D 98 -37.04 6.33 23.87
C GLY D 98 -37.16 5.11 22.99
N ALA D 99 -38.36 4.83 22.48
CA ALA D 99 -38.70 3.62 21.68
C ALA D 99 -38.34 3.88 20.21
N GLU D 100 -39.20 4.59 19.48
CA GLU D 100 -38.91 5.13 18.11
C GLU D 100 -38.39 6.57 18.29
N ALA D 101 -37.09 6.77 18.01
CA ALA D 101 -36.36 8.04 18.26
C ALA D 101 -36.62 8.99 17.10
N ARG D 102 -36.80 10.29 17.41
CA ARG D 102 -37.10 11.36 16.42
C ARG D 102 -36.27 12.61 16.71
N ILE D 103 -36.11 13.46 15.70
CA ILE D 103 -35.53 14.83 15.78
C ILE D 103 -36.56 15.77 15.14
N ASN D 104 -37.19 16.64 15.93
CA ASN D 104 -38.16 17.67 15.46
C ASN D 104 -37.40 18.98 15.29
N THR D 105 -37.50 19.59 14.12
CA THR D 105 -36.71 20.79 13.71
C THR D 105 -37.61 21.81 13.02
N GLN D 106 -37.49 23.09 13.38
CA GLN D 106 -37.85 24.23 12.50
C GLN D 106 -36.67 24.46 11.56
N TRP D 107 -36.91 24.79 10.29
CA TRP D 107 -35.80 25.07 9.34
C TRP D 107 -36.04 26.39 8.59
N ASN D 108 -34.95 26.94 8.05
CA ASN D 108 -34.85 28.25 7.37
C ASN D 108 -34.00 28.07 6.11
N LEU D 109 -34.57 28.21 4.92
CA LEU D 109 -33.85 28.12 3.61
C LEU D 109 -33.68 29.54 3.06
N THR D 110 -32.44 30.03 2.97
CA THR D 110 -32.16 31.43 2.56
C THR D 110 -31.49 31.43 1.18
N TYR D 111 -31.90 32.38 0.34
CA TYR D 111 -31.39 32.59 -1.03
C TYR D 111 -31.77 34.01 -1.48
N GLU D 112 -31.10 34.50 -2.54
CA GLU D 112 -31.41 35.80 -3.18
C GLU D 112 -32.65 35.59 -4.06
N GLY D 113 -33.72 36.34 -3.78
CA GLY D 113 -34.96 36.30 -4.57
C GLY D 113 -34.91 37.23 -5.77
N GLY D 114 -36.04 37.41 -6.43
CA GLY D 114 -36.22 38.33 -7.57
C GLY D 114 -36.16 39.79 -7.12
N SER D 115 -36.80 40.13 -6.01
CA SER D 115 -36.94 41.52 -5.52
C SER D 115 -36.06 41.78 -4.29
N GLY D 116 -35.58 40.74 -3.58
CA GLY D 116 -34.77 40.92 -2.36
C GLY D 116 -34.39 39.60 -1.69
N PRO D 117 -33.59 39.64 -0.61
CA PRO D 117 -33.23 38.42 0.13
C PRO D 117 -34.48 37.60 0.42
N ALA D 118 -34.43 36.28 0.22
CA ALA D 118 -35.59 35.37 0.33
C ALA D 118 -35.37 34.38 1.48
N THR D 119 -36.42 34.08 2.25
CA THR D 119 -36.43 33.04 3.30
C THR D 119 -37.64 32.13 3.16
N GLU D 120 -37.42 30.82 3.13
CA GLU D 120 -38.49 29.79 3.30
C GLU D 120 -38.33 29.14 4.67
N GLN D 121 -39.45 28.86 5.34
CA GLN D 121 -39.47 28.24 6.70
C GLN D 121 -40.39 27.01 6.66
N GLY D 122 -40.07 26.00 7.46
CA GLY D 122 -40.86 24.77 7.58
C GLY D 122 -40.42 23.95 8.79
N GLN D 123 -41.04 22.79 9.00
CA GLN D 123 -40.63 21.78 10.00
C GLN D 123 -40.23 20.50 9.25
N ASP D 124 -39.10 19.91 9.64
CA ASP D 124 -38.70 18.54 9.21
C ASP D 124 -38.64 17.67 10.48
N THR D 125 -39.36 16.55 10.47
CA THR D 125 -39.31 15.50 11.51
C THR D 125 -38.50 14.34 10.94
N PHE D 126 -37.46 13.93 11.67
CA PHE D 126 -36.46 12.92 11.20
C PHE D 126 -36.64 11.66 12.04
N THR D 127 -36.58 10.48 11.40
CA THR D 127 -36.58 9.13 12.03
C THR D 127 -35.51 8.28 11.35
N LYS D 128 -35.14 7.14 11.93
CA LYS D 128 -34.09 6.23 11.39
C LYS D 128 -34.74 5.12 10.54
N VAL D 129 -36.02 5.31 10.18
CA VAL D 129 -36.81 4.39 9.29
C VAL D 129 -36.71 4.91 7.85
N LYS D 130 -36.43 4.03 6.89
CA LYS D 130 -36.00 4.39 5.50
C LYS D 130 -37.19 4.34 4.52
N ALA E 19 -7.03 15.73 -16.50
CA ALA E 19 -6.05 16.33 -17.46
C ALA E 19 -4.74 15.53 -17.44
N GLY E 20 -4.28 15.05 -18.60
CA GLY E 20 -2.94 14.49 -18.81
C GLY E 20 -2.80 13.05 -18.33
N ILE E 21 -2.73 12.83 -17.02
CA ILE E 21 -2.45 11.51 -16.38
C ILE E 21 -3.54 10.51 -16.77
N THR E 22 -4.80 10.96 -16.82
CA THR E 22 -5.96 10.13 -17.24
C THR E 22 -5.67 9.54 -18.61
N GLY E 23 -5.95 8.24 -18.80
CA GLY E 23 -5.76 7.56 -20.08
C GLY E 23 -5.34 6.11 -19.88
N THR E 24 -4.99 5.46 -20.98
CA THR E 24 -4.51 4.06 -21.04
C THR E 24 -2.98 4.09 -21.25
N TRP E 25 -2.24 3.47 -20.34
CA TRP E 25 -0.75 3.40 -20.34
C TRP E 25 -0.28 1.96 -20.50
N TYR E 26 0.92 1.79 -21.06
CA TYR E 26 1.60 0.49 -21.28
C TYR E 26 3.06 0.60 -20.80
N ASN E 27 3.55 -0.38 -20.02
CA ASN E 27 4.96 -0.37 -19.55
C ASN E 27 5.80 -1.25 -20.48
N GLN E 28 7.10 -1.32 -20.22
CA GLN E 28 8.10 -1.99 -21.10
C GLN E 28 7.90 -3.53 -21.07
N SER E 29 7.09 -4.08 -20.14
CA SER E 29 6.77 -5.53 -20.06
C SER E 29 5.43 -5.84 -20.75
N GLY E 30 4.77 -4.80 -21.31
CA GLY E 30 3.50 -4.92 -22.04
C GLY E 30 2.28 -4.90 -21.13
N SER E 31 2.42 -4.62 -19.83
CA SER E 31 1.28 -4.49 -18.88
C SER E 31 0.45 -3.24 -19.20
N THR E 32 -0.86 -3.23 -18.92
CA THR E 32 -1.76 -2.06 -19.17
C THR E 32 -2.25 -1.45 -17.86
N PHE E 33 -2.17 -0.12 -17.78
CA PHE E 33 -2.51 0.75 -16.63
C PHE E 33 -3.55 1.73 -17.17
N THR E 34 -4.84 1.51 -16.89
CA THR E 34 -5.99 2.36 -17.31
C THR E 34 -6.48 3.16 -16.09
N VAL E 35 -6.33 4.48 -16.11
CA VAL E 35 -6.35 5.34 -14.89
C VAL E 35 -7.18 6.58 -15.17
N THR E 36 -7.96 7.02 -14.17
CA THR E 36 -8.66 8.32 -14.15
C THR E 36 -8.12 9.13 -12.98
N ALA E 37 -7.58 10.31 -13.27
CA ALA E 37 -7.14 11.32 -12.27
C ALA E 37 -8.35 12.19 -11.92
N GLY E 38 -8.89 12.04 -10.70
CA GLY E 38 -10.06 12.79 -10.21
C GLY E 38 -9.65 14.15 -9.68
N ALA E 39 -10.58 15.11 -9.68
CA ALA E 39 -10.37 16.50 -9.18
C ALA E 39 -9.84 16.48 -7.74
N ASP E 40 -10.17 15.46 -6.96
CA ASP E 40 -9.85 15.34 -5.51
C ASP E 40 -8.57 14.50 -5.32
N GLY E 41 -7.68 14.45 -6.31
CA GLY E 41 -6.32 13.89 -6.16
C GLY E 41 -6.28 12.37 -6.17
N ASN E 42 -7.42 11.70 -6.34
CA ASN E 42 -7.55 10.22 -6.33
C ASN E 42 -7.22 9.67 -7.72
N LEU E 43 -6.57 8.51 -7.78
CA LEU E 43 -6.45 7.70 -9.02
C LEU E 43 -7.34 6.47 -8.85
N THR E 44 -8.16 6.18 -9.86
CA THR E 44 -9.00 4.98 -9.95
C THR E 44 -8.71 4.32 -11.28
N GLY E 45 -9.00 3.03 -11.42
CA GLY E 45 -8.91 2.32 -12.71
C GLY E 45 -8.53 0.87 -12.52
N GLN E 46 -7.93 0.27 -13.55
CA GLN E 46 -7.61 -1.19 -13.58
C GLN E 46 -6.19 -1.37 -14.11
N TYR E 47 -5.50 -2.43 -13.67
CA TYR E 47 -4.13 -2.80 -14.11
C TYR E 47 -4.18 -4.20 -14.69
N GLU E 48 -3.73 -4.39 -15.94
CA GLU E 48 -3.59 -5.73 -16.56
C GLU E 48 -2.11 -6.07 -16.69
N ASN E 49 -1.65 -7.08 -15.95
CA ASN E 49 -0.23 -7.51 -15.89
C ASN E 49 0.10 -8.47 -17.04
N ARG E 50 1.19 -8.23 -17.76
CA ARG E 50 1.67 -9.12 -18.86
C ARG E 50 3.17 -9.37 -18.77
N ALA E 51 3.80 -9.15 -17.61
CA ALA E 51 5.23 -9.37 -17.37
C ALA E 51 5.52 -10.87 -17.40
N GLN E 52 6.38 -11.30 -18.34
CA GLN E 52 6.89 -12.70 -18.42
C GLN E 52 7.25 -13.21 -17.01
N GLY E 53 6.87 -14.45 -16.71
CA GLY E 53 7.30 -15.20 -15.52
C GLY E 53 6.63 -14.74 -14.23
N THR E 54 5.62 -13.87 -14.27
CA THR E 54 4.89 -13.38 -13.07
C THR E 54 3.54 -14.08 -12.97
N GLY E 55 2.90 -13.99 -11.79
CA GLY E 55 1.56 -14.53 -11.55
C GLY E 55 0.50 -13.52 -11.95
N CYS E 56 -0.77 -13.93 -11.95
CA CYS E 56 -1.93 -13.02 -12.12
C CYS E 56 -1.76 -12.21 -13.41
N GLN E 57 -1.51 -12.90 -14.53
CA GLN E 57 -1.39 -12.31 -15.89
C GLN E 57 -2.76 -12.33 -16.59
N ASN E 58 -3.04 -11.32 -17.43
CA ASN E 58 -4.12 -11.33 -18.45
C ASN E 58 -5.52 -11.21 -17.84
N SER E 59 -5.68 -10.60 -16.66
CA SER E 59 -7.01 -10.21 -16.11
C SER E 59 -6.87 -8.85 -15.43
N PRO E 60 -7.90 -7.98 -15.47
CA PRO E 60 -7.82 -6.66 -14.84
C PRO E 60 -7.98 -6.74 -13.31
N TYR E 61 -7.05 -6.09 -12.60
CA TYR E 61 -7.06 -5.91 -11.12
C TYR E 61 -7.30 -4.43 -10.83
N THR E 62 -8.14 -4.14 -9.82
CA THR E 62 -8.50 -2.76 -9.43
C THR E 62 -7.28 -2.08 -8.82
N LEU E 63 -7.02 -0.82 -9.19
CA LEU E 63 -5.93 0.00 -8.62
C LEU E 63 -6.53 1.15 -7.79
N THR E 64 -5.77 1.61 -6.81
CA THR E 64 -6.11 2.73 -5.90
C THR E 64 -4.85 3.58 -5.79
N GLY E 65 -4.95 4.91 -5.95
CA GLY E 65 -3.76 5.76 -5.94
C GLY E 65 -4.09 7.22 -5.66
N ARG E 66 -3.05 8.04 -5.62
CA ARG E 66 -3.15 9.50 -5.37
C ARG E 66 -2.18 10.19 -6.31
N TYR E 67 -2.49 11.43 -6.69
CA TYR E 67 -1.62 12.30 -7.50
C TYR E 67 -1.68 13.72 -6.93
N ASN E 68 -0.55 14.41 -6.95
CA ASN E 68 -0.42 15.86 -6.63
C ASN E 68 0.52 16.48 -7.69
N GLY E 69 0.02 17.41 -8.49
CA GLY E 69 0.68 17.89 -9.72
C GLY E 69 1.17 16.70 -10.53
N THR E 70 2.50 16.56 -10.68
CA THR E 70 3.16 15.53 -11.52
C THR E 70 3.54 14.28 -10.72
N LYS E 71 3.35 14.30 -9.40
N LYS E 71 3.34 14.29 -9.40
CA LYS E 71 3.71 13.17 -8.48
CA LYS E 71 3.71 13.17 -8.50
C LYS E 71 2.54 12.20 -8.40
C LYS E 71 2.54 12.20 -8.39
N LEU E 72 2.79 10.90 -8.59
CA LEU E 72 1.73 9.86 -8.49
C LEU E 72 2.20 8.64 -7.71
N GLU E 73 1.25 8.00 -7.04
CA GLU E 73 1.43 6.69 -6.36
C GLU E 73 0.17 5.86 -6.62
N TRP E 74 0.30 4.56 -6.84
CA TRP E 74 -0.87 3.65 -6.93
C TRP E 74 -0.47 2.25 -6.46
N ARG E 75 -1.47 1.52 -5.99
CA ARG E 75 -1.34 0.16 -5.42
C ARG E 75 -2.33 -0.75 -6.14
N VAL E 76 -1.95 -2.01 -6.30
CA VAL E 76 -2.81 -3.10 -6.84
C VAL E 76 -2.67 -4.27 -5.87
N GLU E 77 -3.78 -4.68 -5.26
CA GLU E 77 -3.91 -5.99 -4.59
C GLU E 77 -4.07 -7.05 -5.67
N TRP E 78 -3.24 -8.10 -5.68
CA TRP E 78 -3.25 -9.14 -6.76
C TRP E 78 -4.30 -10.21 -6.42
N ASN E 79 -5.54 -9.76 -6.16
CA ASN E 79 -6.69 -10.60 -5.75
C ASN E 79 -7.96 -10.13 -6.48
N ASN E 80 -8.51 -10.99 -7.34
CA ASN E 80 -9.80 -10.77 -8.03
C ASN E 80 -10.49 -12.12 -8.24
N SER E 81 -11.55 -12.17 -9.05
CA SER E 81 -12.38 -13.38 -9.29
C SER E 81 -11.58 -14.44 -10.06
N THR E 82 -10.53 -14.03 -10.80
CA THR E 82 -9.75 -14.87 -11.75
C THR E 82 -8.56 -15.53 -11.06
N GLU E 83 -7.73 -14.76 -10.33
CA GLU E 83 -6.53 -15.31 -9.66
C GLU E 83 -6.20 -14.45 -8.43
N ASN E 84 -5.68 -15.10 -7.38
CA ASN E 84 -5.18 -14.48 -6.13
C ASN E 84 -3.72 -14.89 -5.95
N CYS E 85 -2.78 -13.95 -6.05
CA CYS E 85 -1.31 -14.17 -5.94
C CYS E 85 -0.77 -13.71 -4.57
N HIS E 86 -1.66 -13.46 -3.61
CA HIS E 86 -1.32 -13.23 -2.16
C HIS E 86 -0.18 -12.21 -2.06
N SER E 87 -0.35 -11.06 -2.72
CA SER E 87 0.70 -10.04 -2.88
C SER E 87 0.08 -8.71 -3.31
N ARG E 88 0.85 -7.64 -3.21
CA ARG E 88 0.41 -6.31 -3.69
C ARG E 88 1.64 -5.55 -4.15
N THR E 89 1.46 -4.64 -5.10
CA THR E 89 2.53 -3.79 -5.67
C THR E 89 2.17 -2.33 -5.42
N GLU E 90 3.16 -1.56 -4.98
CA GLU E 90 3.08 -0.07 -4.90
C GLU E 90 3.97 0.49 -6.00
N TRP E 91 3.44 1.42 -6.82
CA TRP E 91 4.23 2.24 -7.76
C TRP E 91 4.27 3.68 -7.23
N ARG E 92 5.44 4.31 -7.27
CA ARG E 92 5.60 5.76 -6.99
C ARG E 92 6.47 6.38 -8.10
N GLY E 93 6.05 7.54 -8.62
CA GLY E 93 6.90 8.28 -9.57
C GLY E 93 6.25 9.54 -10.11
N GLN E 94 6.69 9.92 -11.30
CA GLN E 94 6.50 11.25 -11.90
C GLN E 94 5.85 11.09 -13.26
N TYR E 95 4.85 11.92 -13.55
CA TYR E 95 4.26 12.09 -14.90
C TYR E 95 5.04 13.21 -15.59
N GLN E 96 5.38 13.00 -16.87
CA GLN E 96 5.89 14.02 -17.82
C GLN E 96 4.89 14.11 -18.97
N GLY E 97 4.44 15.32 -19.32
CA GLY E 97 3.31 15.52 -20.24
C GLY E 97 3.77 15.72 -21.68
N GLY E 98 2.89 16.28 -22.51
CA GLY E 98 3.14 16.46 -23.95
C GLY E 98 2.73 15.22 -24.72
N ALA E 99 3.11 15.11 -26.00
CA ALA E 99 2.64 14.04 -26.92
C ALA E 99 3.46 12.76 -26.71
N GLU E 100 4.69 12.87 -26.21
CA GLU E 100 5.56 11.71 -25.85
C GLU E 100 5.57 11.58 -24.32
N ALA E 101 4.39 11.66 -23.71
CA ALA E 101 4.18 11.63 -22.24
C ALA E 101 4.72 10.33 -21.66
N ARG E 102 5.29 10.38 -20.46
CA ARG E 102 5.89 9.21 -19.77
C ARG E 102 5.40 9.18 -18.32
N ILE E 103 5.23 8.00 -17.75
CA ILE E 103 5.19 7.82 -16.27
C ILE E 103 6.39 6.95 -15.91
N ASN E 104 7.30 7.53 -15.15
CA ASN E 104 8.53 6.86 -14.62
C ASN E 104 8.27 6.54 -13.15
N THR E 105 8.40 5.27 -12.77
CA THR E 105 8.08 4.79 -11.39
C THR E 105 9.20 3.91 -10.85
N GLN E 106 9.27 3.82 -9.52
CA GLN E 106 9.84 2.67 -8.80
C GLN E 106 8.67 1.88 -8.23
N TRP E 107 8.80 0.56 -8.18
CA TRP E 107 7.76 -0.31 -7.58
C TRP E 107 8.41 -1.28 -6.58
N ASN E 108 7.60 -1.66 -5.60
CA ASN E 108 7.91 -2.72 -4.62
C ASN E 108 6.74 -3.69 -4.62
N LEU E 109 7.02 -4.97 -4.89
CA LEU E 109 6.03 -6.07 -4.79
C LEU E 109 6.26 -6.79 -3.46
N THR E 110 5.23 -6.92 -2.64
CA THR E 110 5.36 -7.46 -1.26
C THR E 110 4.35 -8.58 -1.02
N TYR E 111 4.73 -9.49 -0.13
CA TYR E 111 4.05 -10.77 0.15
C TYR E 111 4.77 -11.46 1.32
N GLU E 112 4.26 -12.59 1.79
CA GLU E 112 4.93 -13.43 2.81
C GLU E 112 5.75 -14.52 2.08
N GLY E 113 7.07 -14.49 2.25
CA GLY E 113 7.99 -15.54 1.78
C GLY E 113 8.05 -16.68 2.78
N GLY E 114 8.85 -17.72 2.51
CA GLY E 114 9.06 -18.87 3.40
C GLY E 114 9.75 -18.47 4.70
N SER E 115 10.79 -17.64 4.58
CA SER E 115 11.67 -17.21 5.68
C SER E 115 11.10 -15.96 6.36
N GLY E 116 10.52 -15.04 5.60
CA GLY E 116 9.98 -13.78 6.14
C GLY E 116 9.29 -12.92 5.10
N PRO E 117 8.72 -11.76 5.53
CA PRO E 117 8.19 -10.74 4.64
C PRO E 117 9.16 -10.49 3.48
N ALA E 118 8.63 -10.58 2.26
CA ALA E 118 9.39 -10.52 0.99
C ALA E 118 9.05 -9.21 0.29
N THR E 119 10.03 -8.59 -0.36
CA THR E 119 9.79 -7.45 -1.30
C THR E 119 10.59 -7.71 -2.58
N GLU E 120 9.95 -7.59 -3.74
CA GLU E 120 10.63 -7.51 -5.06
C GLU E 120 10.69 -6.04 -5.47
N GLN E 121 11.80 -5.64 -6.11
CA GLN E 121 12.03 -4.23 -6.52
C GLN E 121 12.20 -4.15 -8.03
N GLY E 122 11.83 -3.01 -8.60
CA GLY E 122 12.12 -2.68 -10.01
C GLY E 122 11.66 -1.28 -10.38
N GLN E 123 11.80 -0.94 -11.66
CA GLN E 123 11.28 0.33 -12.22
C GLN E 123 10.47 -0.01 -13.47
N ASP E 124 9.35 0.67 -13.67
CA ASP E 124 8.50 0.56 -14.87
C ASP E 124 8.45 1.94 -15.52
N THR E 125 8.57 1.98 -16.84
CA THR E 125 8.32 3.20 -17.63
C THR E 125 7.03 2.96 -18.39
N PHE E 126 6.05 3.84 -18.26
CA PHE E 126 4.79 3.78 -19.04
C PHE E 126 4.78 4.86 -20.13
N THR E 127 4.28 4.49 -21.31
CA THR E 127 3.89 5.43 -22.40
C THR E 127 2.46 5.11 -22.83
N LYS E 128 1.88 5.95 -23.69
CA LYS E 128 0.49 5.83 -24.20
C LYS E 128 0.47 5.11 -25.57
N VAL E 129 1.61 4.66 -26.06
CA VAL E 129 1.70 3.80 -27.29
C VAL E 129 1.32 2.36 -26.93
N LYS E 130 0.24 1.83 -27.51
CA LYS E 130 -0.15 0.40 -27.39
C LYS E 130 0.73 -0.43 -28.31
N ILE F 21 -28.67 5.40 -20.23
CA ILE F 21 -30.07 5.60 -20.72
C ILE F 21 -31.06 4.86 -19.81
N THR F 22 -32.35 5.01 -20.09
CA THR F 22 -33.48 4.26 -19.45
C THR F 22 -33.40 2.79 -19.85
N GLY F 23 -33.74 1.88 -18.92
CA GLY F 23 -33.91 0.45 -19.24
C GLY F 23 -33.56 -0.48 -18.09
N THR F 24 -33.39 -1.77 -18.41
CA THR F 24 -32.98 -2.87 -17.49
C THR F 24 -31.55 -3.30 -17.88
N TRP F 25 -30.61 -3.26 -16.92
CA TRP F 25 -29.17 -3.56 -17.16
C TRP F 25 -28.70 -4.69 -16.23
N TYR F 26 -27.79 -5.53 -16.74
CA TYR F 26 -27.13 -6.64 -16.00
C TYR F 26 -25.61 -6.48 -16.12
N ASN F 27 -24.87 -6.67 -15.01
CA ASN F 27 -23.39 -6.62 -14.99
C ASN F 27 -22.84 -8.06 -14.94
N GLN F 28 -21.51 -8.18 -14.90
CA GLN F 28 -20.78 -9.47 -15.01
C GLN F 28 -21.16 -10.40 -13.84
N SER F 29 -21.60 -9.83 -12.71
CA SER F 29 -21.90 -10.55 -11.45
C SER F 29 -23.34 -11.06 -11.42
N GLY F 30 -24.17 -10.64 -12.38
CA GLY F 30 -25.60 -11.03 -12.49
C GLY F 30 -26.54 -10.02 -11.85
N SER F 31 -26.03 -8.90 -11.35
CA SER F 31 -26.83 -7.81 -10.73
C SER F 31 -27.67 -7.10 -11.78
N THR F 32 -28.92 -6.77 -11.45
CA THR F 32 -29.89 -6.07 -12.34
C THR F 32 -30.06 -4.63 -11.87
N PHE F 33 -29.97 -3.70 -12.82
CA PHE F 33 -29.99 -2.22 -12.63
C PHE F 33 -31.16 -1.68 -13.46
N THR F 34 -32.31 -1.46 -12.81
CA THR F 34 -33.56 -0.92 -13.42
C THR F 34 -33.63 0.57 -13.10
N VAL F 35 -33.71 1.42 -14.13
CA VAL F 35 -33.48 2.89 -13.97
C VAL F 35 -34.41 3.70 -14.87
N THR F 36 -34.79 4.87 -14.37
CA THR F 36 -35.54 5.95 -15.07
C THR F 36 -34.64 7.19 -15.10
N ALA F 37 -34.19 7.57 -16.29
CA ALA F 37 -33.60 8.91 -16.60
C ALA F 37 -34.73 9.83 -17.07
N GLY F 38 -35.33 10.58 -16.13
CA GLY F 38 -36.57 11.35 -16.34
C GLY F 38 -36.33 12.65 -17.07
N ALA F 39 -36.16 13.75 -16.33
CA ALA F 39 -35.74 15.07 -16.83
C ALA F 39 -34.80 15.71 -15.81
N ASP F 40 -34.36 16.96 -16.06
CA ASP F 40 -33.51 17.77 -15.14
C ASP F 40 -32.30 16.96 -14.65
N GLY F 41 -31.96 15.86 -15.35
CA GLY F 41 -30.75 15.05 -15.09
C GLY F 41 -30.90 14.04 -13.95
N ASN F 42 -32.12 13.72 -13.53
CA ASN F 42 -32.39 12.78 -12.40
C ASN F 42 -32.29 11.32 -12.87
N LEU F 43 -31.62 10.47 -12.07
CA LEU F 43 -31.71 8.99 -12.13
C LEU F 43 -32.51 8.50 -10.93
N THR F 44 -33.55 7.69 -11.18
CA THR F 44 -34.36 6.98 -10.15
C THR F 44 -34.47 5.51 -10.58
N GLY F 45 -34.79 4.62 -9.64
CA GLY F 45 -35.07 3.20 -9.93
C GLY F 45 -34.63 2.27 -8.82
N GLN F 46 -34.38 1.00 -9.15
CA GLN F 46 -34.08 -0.07 -8.18
C GLN F 46 -32.88 -0.91 -8.67
N TYR F 47 -31.98 -1.23 -7.74
CA TYR F 47 -30.78 -2.08 -7.95
C TYR F 47 -30.99 -3.41 -7.22
N GLU F 48 -30.78 -4.53 -7.93
CA GLU F 48 -30.81 -5.90 -7.37
C GLU F 48 -29.42 -6.54 -7.51
N ASN F 49 -28.71 -6.65 -6.38
CA ASN F 49 -27.34 -7.23 -6.27
C ASN F 49 -27.42 -8.77 -6.35
N ARG F 50 -26.63 -9.40 -7.23
CA ARG F 50 -26.51 -10.90 -7.35
C ARG F 50 -25.03 -11.32 -7.32
N ALA F 51 -24.12 -10.43 -6.93
CA ALA F 51 -22.68 -10.72 -6.85
C ALA F 51 -22.45 -11.78 -5.76
N GLN F 52 -21.96 -12.96 -6.13
CA GLN F 52 -21.60 -14.06 -5.20
C GLN F 52 -20.80 -13.50 -4.01
N GLY F 53 -21.17 -13.91 -2.78
CA GLY F 53 -20.36 -13.74 -1.55
C GLY F 53 -20.55 -12.38 -0.91
N THR F 54 -21.69 -11.72 -1.15
CA THR F 54 -22.01 -10.36 -0.66
C THR F 54 -23.29 -10.38 0.19
N GLY F 55 -23.54 -9.30 0.92
CA GLY F 55 -24.79 -9.09 1.66
C GLY F 55 -25.87 -8.57 0.73
N CYS F 56 -27.11 -8.50 1.21
CA CYS F 56 -28.21 -7.72 0.57
C CYS F 56 -28.42 -8.19 -0.89
N GLN F 57 -28.53 -9.50 -1.10
CA GLN F 57 -28.71 -10.11 -2.45
C GLN F 57 -30.20 -10.32 -2.74
N ASN F 58 -30.58 -10.25 -4.02
CA ASN F 58 -31.86 -10.76 -4.57
C ASN F 58 -33.05 -9.97 -3.99
N SER F 59 -32.85 -8.69 -3.68
CA SER F 59 -33.88 -7.76 -3.16
C SER F 59 -33.70 -6.40 -3.82
N PRO F 60 -34.77 -5.73 -4.29
CA PRO F 60 -34.63 -4.39 -4.86
C PRO F 60 -34.27 -3.38 -3.75
N TYR F 61 -33.26 -2.54 -3.99
CA TYR F 61 -32.89 -1.39 -3.12
C TYR F 61 -33.11 -0.09 -3.90
N THR F 62 -33.49 0.97 -3.18
CA THR F 62 -33.72 2.33 -3.75
C THR F 62 -32.41 2.85 -4.36
N LEU F 63 -32.47 3.24 -5.63
CA LEU F 63 -31.39 3.87 -6.43
C LEU F 63 -31.72 5.36 -6.61
N THR F 64 -30.78 6.26 -6.30
CA THR F 64 -30.86 7.71 -6.65
C THR F 64 -29.50 8.18 -7.19
N GLY F 65 -29.55 8.95 -8.28
CA GLY F 65 -28.36 9.42 -9.02
C GLY F 65 -28.66 10.60 -9.92
N ARG F 66 -27.69 10.96 -10.76
CA ARG F 66 -27.80 12.05 -11.76
C ARG F 66 -27.06 11.64 -13.03
N TYR F 67 -27.35 12.31 -14.14
CA TYR F 67 -26.60 12.15 -15.42
C TYR F 67 -26.40 13.54 -16.06
N ASN F 68 -25.51 13.59 -17.05
CA ASN F 68 -25.13 14.82 -17.79
C ASN F 68 -24.64 14.38 -19.17
N GLY F 69 -25.59 14.12 -20.08
CA GLY F 69 -25.32 13.52 -21.41
C GLY F 69 -25.04 12.04 -21.28
N THR F 70 -23.76 11.64 -21.36
CA THR F 70 -23.30 10.23 -21.26
C THR F 70 -22.78 9.94 -19.84
N LYS F 71 -22.50 10.96 -19.04
CA LYS F 71 -21.88 10.84 -17.69
C LYS F 71 -22.95 10.50 -16.66
N LEU F 72 -22.79 9.35 -15.99
CA LEU F 72 -23.76 8.76 -15.01
C LEU F 72 -23.09 8.65 -13.64
N GLU F 73 -23.88 8.80 -12.58
CA GLU F 73 -23.43 8.71 -11.17
C GLU F 73 -24.67 8.37 -10.32
N TRP F 74 -24.67 7.20 -9.65
CA TRP F 74 -25.81 6.76 -8.79
C TRP F 74 -25.30 6.07 -7.51
N ARG F 75 -26.17 5.99 -6.51
CA ARG F 75 -25.86 5.61 -5.12
C ARG F 75 -26.94 4.66 -4.58
N VAL F 76 -26.53 3.51 -4.06
CA VAL F 76 -27.41 2.56 -3.32
C VAL F 76 -26.98 2.58 -1.86
N GLU F 77 -27.91 2.89 -0.96
CA GLU F 77 -27.78 2.66 0.51
C GLU F 77 -28.35 1.27 0.78
N TRP F 78 -27.52 0.34 1.25
CA TRP F 78 -27.89 -1.10 1.36
C TRP F 78 -28.77 -1.32 2.61
N ASN F 79 -29.87 -0.56 2.68
CA ASN F 79 -30.90 -0.61 3.74
C ASN F 79 -32.27 -0.71 3.07
N ASN F 80 -33.05 -1.72 3.44
CA ASN F 80 -34.49 -1.87 3.05
C ASN F 80 -35.16 -2.79 4.06
N SER F 81 -36.47 -3.02 3.90
CA SER F 81 -37.33 -3.84 4.80
C SER F 81 -36.75 -5.25 4.99
N THR F 82 -36.03 -5.77 3.99
CA THR F 82 -35.53 -7.17 3.93
C THR F 82 -34.20 -7.33 4.68
N GLU F 83 -33.20 -6.50 4.35
CA GLU F 83 -31.81 -6.64 4.86
C GLU F 83 -31.10 -5.29 4.82
N ASN F 84 -30.35 -4.98 5.88
CA ASN F 84 -29.49 -3.78 6.00
C ASN F 84 -28.03 -4.23 6.17
N CYS F 85 -27.19 -3.91 5.19
CA CYS F 85 -25.74 -4.24 5.14
C CYS F 85 -24.90 -3.07 5.69
N HIS F 86 -25.57 -2.05 6.27
CA HIS F 86 -24.97 -0.83 6.87
C HIS F 86 -23.80 -0.35 6.01
N SER F 87 -24.08 0.00 4.76
CA SER F 87 -23.06 0.37 3.75
C SER F 87 -23.74 1.17 2.63
N ARG F 88 -22.95 1.70 1.71
N ARG F 88 -22.94 1.66 1.69
CA ARG F 88 -23.45 2.41 0.50
CA ARG F 88 -23.40 2.47 0.52
C ARG F 88 -22.39 2.29 -0.59
C ARG F 88 -22.37 2.28 -0.60
N THR F 89 -22.82 2.02 -1.83
CA THR F 89 -21.94 1.95 -3.04
C THR F 89 -22.27 3.13 -3.97
N GLU F 90 -21.24 3.82 -4.45
CA GLU F 90 -21.33 4.88 -5.49
C GLU F 90 -20.70 4.35 -6.78
N TRP F 91 -21.50 4.29 -7.85
CA TRP F 91 -21.06 4.01 -9.25
C TRP F 91 -20.86 5.34 -10.00
N ARG F 92 -19.76 5.45 -10.76
CA ARG F 92 -19.50 6.58 -11.69
C ARG F 92 -19.00 6.01 -13.02
N GLY F 93 -19.18 6.74 -14.11
CA GLY F 93 -18.69 6.35 -15.45
C GLY F 93 -19.64 6.75 -16.57
N GLN F 94 -19.41 6.17 -17.74
CA GLN F 94 -19.94 6.63 -19.06
C GLN F 94 -20.97 5.63 -19.60
N TYR F 95 -21.96 6.14 -20.34
CA TYR F 95 -22.87 5.36 -21.21
C TYR F 95 -22.31 5.36 -22.65
N GLN F 96 -22.15 4.16 -23.23
CA GLN F 96 -21.85 3.93 -24.67
C GLN F 96 -23.19 3.70 -25.38
N GLY F 97 -23.34 4.27 -26.59
CA GLY F 97 -24.59 4.22 -27.38
C GLY F 97 -24.63 3.05 -28.34
N GLY F 98 -25.63 3.04 -29.24
CA GLY F 98 -25.87 1.97 -30.23
C GLY F 98 -26.78 0.89 -29.68
N ALA F 99 -26.92 -0.21 -30.43
CA ALA F 99 -27.66 -1.44 -30.03
C ALA F 99 -26.82 -2.25 -29.03
N GLU F 100 -25.49 -2.24 -29.23
CA GLU F 100 -24.49 -2.97 -28.41
C GLU F 100 -24.18 -2.21 -27.12
N ALA F 101 -25.14 -1.42 -26.61
CA ALA F 101 -24.96 -0.39 -25.57
C ALA F 101 -24.38 -1.01 -24.28
N ARG F 102 -23.46 -0.30 -23.63
CA ARG F 102 -22.85 -0.68 -22.32
C ARG F 102 -22.75 0.57 -21.43
N ILE F 103 -22.88 0.38 -20.11
CA ILE F 103 -22.56 1.41 -19.07
C ILE F 103 -21.30 0.95 -18.35
N ASN F 104 -20.17 1.64 -18.56
CA ASN F 104 -18.84 1.33 -17.97
C ASN F 104 -18.69 2.15 -16.68
N THR F 105 -18.55 1.49 -15.53
CA THR F 105 -18.53 2.15 -14.20
C THR F 105 -17.31 1.74 -13.39
N GLN F 106 -16.92 2.61 -12.46
CA GLN F 106 -16.06 2.33 -11.29
C GLN F 106 -16.98 2.48 -10.07
N TRP F 107 -16.80 1.65 -9.04
CA TRP F 107 -17.60 1.76 -7.79
C TRP F 107 -16.72 1.79 -6.54
N ASN F 108 -17.21 2.53 -5.54
CA ASN F 108 -16.65 2.63 -4.17
C ASN F 108 -17.74 2.14 -3.22
N LEU F 109 -17.48 1.08 -2.45
CA LEU F 109 -18.39 0.52 -1.43
C LEU F 109 -17.85 0.94 -0.06
N THR F 110 -18.49 1.91 0.60
CA THR F 110 -18.04 2.50 1.89
C THR F 110 -18.88 1.96 3.05
N TYR F 111 -18.23 1.78 4.20
CA TYR F 111 -18.81 1.31 5.48
C TYR F 111 -17.81 1.58 6.61
N GLU F 112 -18.29 1.43 7.85
CA GLU F 112 -17.48 1.56 9.09
C GLU F 112 -16.72 0.25 9.32
N GLY F 113 -15.38 0.31 9.31
CA GLY F 113 -14.47 -0.82 9.57
C GLY F 113 -14.10 -0.93 11.04
N GLY F 114 -13.15 -1.81 11.37
CA GLY F 114 -12.66 -2.05 12.73
C GLY F 114 -11.84 -0.89 13.28
N SER F 115 -10.89 -0.38 12.48
CA SER F 115 -9.89 0.64 12.91
C SER F 115 -10.14 2.00 12.25
N GLY F 116 -10.95 2.06 11.18
CA GLY F 116 -11.25 3.32 10.49
C GLY F 116 -12.24 3.12 9.35
N PRO F 117 -12.51 4.17 8.54
CA PRO F 117 -13.47 4.07 7.44
C PRO F 117 -12.95 3.14 6.34
N ALA F 118 -13.78 2.18 5.96
CA ALA F 118 -13.46 1.09 5.02
C ALA F 118 -14.00 1.46 3.63
N THR F 119 -13.21 1.24 2.60
CA THR F 119 -13.63 1.34 1.19
C THR F 119 -13.18 0.09 0.44
N GLU F 120 -14.10 -0.51 -0.33
CA GLU F 120 -13.80 -1.50 -1.38
C GLU F 120 -14.06 -0.84 -2.72
N GLN F 121 -13.21 -1.12 -3.70
CA GLN F 121 -13.34 -0.57 -5.08
C GLN F 121 -13.46 -1.72 -6.07
N GLY F 122 -14.11 -1.45 -7.20
CA GLY F 122 -14.13 -2.37 -8.36
C GLY F 122 -14.67 -1.69 -9.61
N GLN F 123 -14.92 -2.50 -10.64
CA GLN F 123 -15.37 -2.13 -12.00
C GLN F 123 -16.62 -2.96 -12.32
N ASP F 124 -17.74 -2.31 -12.70
CA ASP F 124 -18.97 -3.00 -13.17
C ASP F 124 -19.26 -2.60 -14.61
N THR F 125 -19.37 -3.58 -15.50
CA THR F 125 -19.72 -3.42 -16.94
C THR F 125 -21.14 -3.96 -17.17
N PHE F 126 -22.11 -3.06 -17.35
CA PHE F 126 -23.55 -3.39 -17.52
C PHE F 126 -23.89 -3.48 -19.00
N THR F 127 -24.76 -4.43 -19.36
CA THR F 127 -25.35 -4.63 -20.71
C THR F 127 -26.78 -5.16 -20.53
N LYS F 128 -27.66 -4.87 -21.50
CA LYS F 128 -29.08 -5.34 -21.50
C LYS F 128 -29.11 -6.87 -21.68
N VAL F 129 -28.12 -7.44 -22.37
CA VAL F 129 -27.93 -8.92 -22.54
C VAL F 129 -27.59 -9.54 -21.17
S SO4 G . 23.10 -20.15 -11.26
O1 SO4 G . 22.60 -19.64 -10.00
O2 SO4 G . 22.40 -21.35 -11.61
O3 SO4 G . 22.90 -19.16 -12.27
O4 SO4 G . 24.50 -20.43 -11.13
S SO4 H . 29.30 6.31 -22.08
O1 SO4 H . 28.81 7.52 -21.47
O2 SO4 H . 28.39 5.23 -21.80
O3 SO4 H . 29.37 6.50 -23.51
O4 SO4 H . 30.60 6.02 -21.55
O1 UJE I . 32.59 -11.94 -14.85
O2 UJE I . 32.23 -2.69 -12.86
C1 UJE I . 31.48 -12.06 -14.35
C2 UJE I . 30.41 -10.98 -14.51
C3 UJE I . 30.92 -9.55 -14.66
C4 UJE I . 31.64 -9.09 -13.40
C5 UJE I . 32.01 -7.61 -13.49
C6 UJE I . 32.74 -7.19 -12.21
S1 UJE I . 31.65 -6.84 -10.87
C7 UJE I . 32.80 -5.99 -9.87
C8 UJE I . 33.61 -5.22 -10.91
N1 UJE I . 33.03 -3.92 -11.14
C9 UJE I . 32.68 -3.74 -12.40
N2 UJE I . 32.94 -4.83 -13.09
C10 UJE I . 33.55 -5.88 -12.29
N3 UJE I . 30.99 -13.14 -13.71
C11 UJE I . 31.49 -14.52 -13.56
C12 UJE I . 32.18 -15.15 -14.76
C13 UJE I . 32.86 -16.37 -14.15
N4 UJE I . 33.07 -16.10 -12.71
C14 UJE I . 32.44 -14.79 -12.41
S SO4 J . 3.68 -2.22 28.17
O1 SO4 J . 2.56 -1.31 27.98
O2 SO4 J . 3.50 -2.88 29.44
O3 SO4 J . 4.90 -1.50 28.19
O4 SO4 J . 3.70 -3.20 27.12
O1 UJE K . -8.48 -5.87 13.55
O2 UJE K . -2.05 -0.08 16.60
C1 UJE K . -8.01 -6.27 12.54
C2 UJE K . -6.53 -6.60 12.53
C3 UJE K . -5.74 -5.69 13.51
C4 UJE K . -5.49 -4.25 13.02
C5 UJE K . -4.92 -3.28 14.07
C6 UJE K . -4.91 -1.85 13.53
S1 UJE K . -3.53 -1.50 12.46
C7 UJE K . -3.79 0.21 12.46
C8 UJE K . -4.19 0.49 13.90
N1 UJE K . -3.05 0.72 14.75
C9 UJE K . -2.96 -0.11 15.77
N2 UJE K . -3.97 -0.95 15.71
C10 UJE K . -4.84 -0.73 14.57
N3 UJE K . -8.90 -6.43 11.54
C11 UJE K . -8.81 -7.18 10.32
C12 UJE K . -9.82 -8.31 10.42
C13 UJE K . -10.97 -8.01 9.47
N4 UJE K . -10.68 -6.75 8.79
C14 UJE K . -9.29 -6.35 9.12
O1 UJE L . 14.55 -21.07 1.60
O2 UJE L . 18.00 -20.11 10.19
C1 UJE L . 15.58 -20.64 1.17
C2 UJE L . 16.93 -21.04 1.76
C3 UJE L . 16.89 -21.22 3.28
C4 UJE L . 17.00 -19.88 3.99
C5 UJE L . 16.89 -20.07 5.49
C6 UJE L . 16.52 -18.76 6.18
S1 UJE L . 17.91 -17.73 6.37
C7 UJE L . 17.06 -16.60 7.44
C8 UJE L . 16.33 -17.56 8.37
N1 UJE L . 17.22 -18.05 9.41
C9 UJE L . 17.38 -19.39 9.39
N2 UJE L . 16.69 -19.87 8.35
C10 UJE L . 15.99 -18.84 7.62
N3 UJE L . 15.68 -19.85 0.11
C11 UJE L . 14.75 -19.60 -0.98
C12 UJE L . 13.48 -20.41 -1.11
C13 UJE L . 12.86 -19.75 -2.34
N4 UJE L . 13.26 -18.33 -2.28
C14 UJE L . 14.25 -18.18 -1.18
O1 UJE M . -33.94 24.04 -3.87
O2 UJE M . -35.17 17.72 3.17
C1 UJE M . -33.03 24.52 -3.21
C2 UJE M . -32.13 23.61 -2.38
C3 UJE M . -32.86 22.39 -1.81
C4 UJE M . -33.83 22.70 -0.68
C5 UJE M . -34.23 21.46 0.08
C6 UJE M . -35.10 21.84 1.29
S1 UJE M . -34.18 22.13 2.76
C7 UJE M . -35.56 22.08 3.87
C8 UJE M . -36.44 20.99 3.27
N1 UJE M . -36.10 19.71 3.84
C9 UJE M . -35.57 18.87 2.96
N2 UJE M . -35.54 19.47 1.78
C10 UJE M . -36.09 20.80 1.78
N3 UJE M . -32.79 25.84 -3.14
C11 UJE M . -33.66 26.87 -3.74
C12 UJE M . -33.03 28.25 -3.62
C13 UJE M . -33.26 28.98 -4.93
N4 UJE M . -33.77 27.98 -5.89
C14 UJE M . -33.96 26.67 -5.22
O1 UJE N . 3.40 -12.35 -9.48
O2 UJE N . 3.62 -4.79 -14.87
C1 UJE N . 2.76 -11.71 -8.69
C2 UJE N . 1.63 -10.80 -9.14
C3 UJE N . 1.95 -9.91 -10.31
C4 UJE N . 2.98 -8.86 -9.99
C5 UJE N . 3.39 -8.19 -11.30
C6 UJE N . 4.55 -7.21 -11.12
S1 UJE N . 4.05 -5.69 -10.40
C7 UJE N . 5.57 -4.90 -10.78
C8 UJE N . 5.82 -5.34 -12.19
N1 UJE N . 5.08 -4.50 -13.15
C9 UJE N . 4.28 -5.23 -13.93
N2 UJE N . 4.34 -6.50 -13.53
C10 UJE N . 5.24 -6.74 -12.42
N3 UJE N . 2.86 -11.78 -7.37
C11 UJE N . 3.41 -12.82 -6.50
C12 UJE N . 3.50 -14.25 -7.00
C13 UJE N . 4.11 -14.89 -5.75
N4 UJE N . 4.94 -13.84 -5.10
C14 UJE N . 4.75 -12.59 -5.83
O1 UJE O . -22.32 -6.68 0.82
O2 UJE O . -23.54 -5.67 -8.52
C1 UJE O . -22.53 -5.47 0.99
C2 UJE O . -23.58 -4.72 0.18
C3 UJE O . -23.75 -5.26 -1.24
C4 UJE O . -22.57 -4.92 -2.12
C5 UJE O . -22.82 -5.29 -3.59
C6 UJE O . -21.67 -4.78 -4.44
S1 UJE O . -21.92 -3.10 -4.91
C7 UJE O . -20.72 -3.10 -6.20
C8 UJE O . -20.72 -4.53 -6.75
N1 UJE O . -21.59 -4.62 -7.90
C9 UJE O . -22.64 -5.44 -7.71
N2 UJE O . -22.54 -5.95 -6.48
C10 UJE O . -21.37 -5.51 -5.76
N3 UJE O . -21.87 -4.76 1.89
C11 UJE O . -20.87 -5.35 2.76
C12 UJE O . -19.69 -4.42 2.93
C13 UJE O . -19.61 -4.09 4.41
N4 UJE O . -20.45 -5.06 5.13
C14 UJE O . -21.43 -5.59 4.15
#